data_7X7R
#
_entry.id   7X7R
#
_cell.length_a   1.00
_cell.length_b   1.00
_cell.length_c   1.00
_cell.angle_alpha   90.00
_cell.angle_beta   90.00
_cell.angle_gamma   90.00
#
_symmetry.space_group_name_H-M   'P 1'
#
loop_
_entity.id
_entity.type
_entity.pdbx_description
1 polymer 'RNA (36-MER)'
2 polymer "RNA (5'-R(P*AP*GP*UP*CP*CP*GP*GP*GP*GP*CP*AP*GP*AP*AP*AP*AP*UP*UP*GP*G)-3')"
3 polymer 'RAMP superfamily protein'
4 non-polymer 'ZINC ION'
#
loop_
_entity_poly.entity_id
_entity_poly.type
_entity_poly.pdbx_seq_one_letter_code
_entity_poly.pdbx_strand_id
1 'polyribonucleotide' GGACUUAAUGUCACGGUACCCAAUUUUCUGCCCCGG C
2 'polyribonucleotide' CUCUAGUAACAGCCGUGGAGUCCGGGGCAGAAAAUUGGACGAUUAA J
3 'polypeptide(L)'
;MKSNDMNITVELTFFEPYRLVEWFDWDARKKSHSAMRGQAFAQWTWKGKGRTAGKSFITGTLVRSAVIKAVEELLSLNNG
KWEGVPCCNGSFQTDESKGKKPSFLRKRHTLQWQANNKNICDKEEACPFCILLGRFDNAGKVHERNKDYDIHFSNFDLDH
KQEKNDLRLVDIASGRILNRVDFDTGKAKDYFRTWEADYETYGTYTGRITLRNEHAKKLLLASLGFVDKLCGALCRIEVI
KKSESPLPSDTKEQSYTKDDTVEVLSEDHNDELRKQAEVIVEAFKQNDKLEKIRILADAIRTLRLHGEGVIEKDELPDGK
EERDKGHHLWDIKVQGTALRTKLKELWQSNKDIGWRKFTEMLGSNLYLIYKKETGGVSTRFRILGDTEYYSKAHDSEGSD
LFIPVTPPEGIETKEWIIVGRLKAATPFYFGVQQPSDSIPGKEKKSEDSLVINEHASFNILLDKENRYRIPRSALRGALR
RDLRTAFGSGCNVSLGGQILCNCKVCIEMRRITLKDSVSDFSEPPEIRYRIAKNPGTATVEDGSLFDIEVGPEGLTFPFV
LRYRGHKFPEQLSSVIRYWEENDGKNGMAWLGGLDSTGKGRFALKDIKIFEWDLNQKINEYIKERGMRGKEKELLEMGES
SLPDGLIPYKFFEERECLFPYKENLKPQWSEVQYTIEVGSPLLTADTISALTEPGNRAAIAYKKRVYNDGNNAIEPEPRF
AVKSETHRGIFRTAVGRRTGDLGKEDHEDCTCDMCIIFGNEHESSKIRFEDLELINGNEFEKLEKHIDHVAIDRFTGGAL
DKAKFDTYPLAGSPKKPLKLKGRFWIKKGFSGDHKLLITTALSDIRDGLYPLGSKGGVGYGWVAGISIDDNVPDDFKEMI
NKTEMPLPEEVEESNNGPINNDYVHPGHQSPKQDHKNKNIYYPHYFLDSGSKVYREKDIITHEEFTEELLSGKINCKLET
LTPLIIPDTSDENGLKLQGNKPGHKNYKFFNINGELMIPGSELRGMLRTHFEALTKSCFAIFGEDSTLSWRMNADEKDYK
IDSNSIRKMESQRNPKYRIPDELQKELRNSGNGLFNRLYTSERRFWSDVSNKFENSIDYKREILRCAGRPKNYKGGIIRQ
RKDSLMAEELKVHRLPLYDNFDIPDSAYKANDHCRKSATCSTSRGCRERFTCGIKVRDKNRVFLNAANNNRQYLNNIKKS
NHDLYLQYLKGEKKIRFNSKVITGSERSPIDVIAELNERGRQTGFIKLSGLNNSNKSQGNTGTTFNSGWDRFELNILLDD
LETRPSKSDYPRPRLLFTKDQYEYNITKRCERVFEIDKGNKTGYPVDDQIKKNYEDILDSYDGIKDQEVAERFDTFTRGS
KLKVGDLVYFHIDGDNKIDSLIPVRISRKCASKTLGGKLDKALHPCTGLSDGLCPGCHLFGTTDYKGRVKFGFAKYENGP
EWLITRGNNPERSLTLGVLESPRPAFSIPDDESEIPGRKFYLHHNGWRIIRQKQLEIRETVQPERNVTTEVMDKGNVFSF
DVRFENLREWELGLLLQSLDPGKNIAHKLGKGKPYGFGSVKIKIDSLHTFKINSNNDKIKRVPQSDIREYINKGYQKLIE
WSGNNSIQKGNVLPQWHVIPHIDKLYKLLWVPFLNDSKLEPDVRYPVLNEESKGYIEGSDYTYKKLGDKDNLPYKTRVKG
LTTPWSPWNPFQVIAEHEEQEVNVTGSRPSVTDKIERDGKMV
;
A
#
# COMPACT_ATOMS: atom_id res chain seq x y z
N ASP C 5 -47.16 -37.11 26.24
CA ASP C 5 -46.62 -38.44 26.42
C ASP C 5 -45.48 -38.71 25.44
N MET C 6 -45.83 -38.82 24.15
CA MET C 6 -44.85 -39.07 23.13
C MET C 6 -43.93 -37.86 22.97
N ASN C 7 -42.62 -38.10 22.93
CA ASN C 7 -41.61 -37.06 23.01
C ASN C 7 -40.82 -36.97 21.71
N ILE C 8 -40.45 -35.74 21.34
CA ILE C 8 -39.72 -35.47 20.11
C ILE C 8 -38.38 -34.83 20.47
N THR C 9 -37.31 -35.39 19.92
CA THR C 9 -35.97 -34.82 20.04
C THR C 9 -35.52 -34.35 18.66
N VAL C 10 -35.05 -33.11 18.59
CA VAL C 10 -34.67 -32.48 17.32
C VAL C 10 -33.25 -31.97 17.41
N GLU C 11 -32.63 -31.81 16.24
CA GLU C 11 -31.28 -31.31 16.12
C GLU C 11 -31.27 -30.01 15.34
N LEU C 12 -30.28 -29.16 15.62
CA LEU C 12 -30.12 -27.88 14.95
C LEU C 12 -28.90 -27.95 14.05
N THR C 13 -29.12 -27.87 12.74
CA THR C 13 -28.04 -27.93 11.75
C THR C 13 -27.73 -26.51 11.29
N PHE C 14 -26.68 -25.92 11.84
CA PHE C 14 -26.29 -24.56 11.52
C PHE C 14 -25.40 -24.54 10.28
N PHE C 15 -25.67 -23.59 9.39
CA PHE C 15 -24.91 -23.43 8.15
C PHE C 15 -24.28 -22.04 8.05
N GLU C 16 -24.11 -21.35 9.16
CA GLU C 16 -23.57 -20.00 9.19
C GLU C 16 -23.13 -19.68 10.61
N PRO C 17 -22.01 -18.95 10.81
CA PRO C 17 -21.56 -18.64 12.16
C PRO C 17 -22.62 -17.93 12.99
N TYR C 18 -23.08 -18.60 14.05
CA TYR C 18 -24.15 -18.10 14.89
C TYR C 18 -23.56 -17.22 16.00
N ARG C 19 -24.39 -16.84 16.96
CA ARG C 19 -23.98 -15.97 18.04
C ARG C 19 -24.34 -16.62 19.38
N LEU C 20 -23.58 -16.25 20.41
CA LEU C 20 -23.83 -16.74 21.76
C LEU C 20 -23.34 -15.69 22.75
N VAL C 21 -24.11 -15.51 23.83
CA VAL C 21 -23.82 -14.50 24.84
C VAL C 21 -23.85 -15.15 26.21
N GLU C 22 -22.99 -14.66 27.10
CA GLU C 22 -22.96 -15.15 28.47
C GLU C 22 -24.33 -15.00 29.11
N TRP C 23 -24.83 -16.07 29.73
CA TRP C 23 -26.21 -16.10 30.18
C TRP C 23 -26.42 -15.25 31.43
N PHE C 24 -25.45 -15.25 32.35
CA PHE C 24 -25.56 -14.54 33.63
C PHE C 24 -26.77 -15.09 34.37
N ASP C 25 -27.82 -14.29 34.61
CA ASP C 25 -29.05 -14.79 35.21
C ASP C 25 -30.15 -13.78 34.88
N TRP C 26 -31.40 -14.26 34.94
CA TRP C 26 -32.53 -13.39 34.60
C TRP C 26 -32.61 -12.19 35.52
N ASP C 27 -32.42 -12.41 36.83
CA ASP C 27 -32.36 -11.28 37.76
C ASP C 27 -31.11 -10.45 37.53
N ALA C 28 -30.02 -11.08 37.10
CA ALA C 28 -28.78 -10.37 36.80
C ALA C 28 -28.71 -9.90 35.35
N ARG C 29 -29.71 -10.23 34.52
CA ARG C 29 -29.70 -9.73 33.15
C ARG C 29 -29.74 -8.21 33.11
N LYS C 30 -30.62 -7.59 33.90
CA LYS C 30 -30.75 -6.14 33.85
C LYS C 30 -29.48 -5.43 34.28
N LYS C 31 -28.62 -6.11 35.05
CA LYS C 31 -27.33 -5.52 35.40
C LYS C 31 -26.44 -5.36 34.18
N SER C 32 -26.47 -6.32 33.26
CA SER C 32 -25.65 -6.29 32.05
C SER C 32 -26.58 -6.14 30.85
N HIS C 33 -26.58 -4.94 30.26
CA HIS C 33 -27.43 -4.68 29.10
C HIS C 33 -27.02 -5.53 27.89
N SER C 34 -25.80 -6.08 27.89
CA SER C 34 -25.44 -7.06 26.87
C SER C 34 -26.31 -8.30 26.95
N ALA C 35 -26.89 -8.58 28.11
CA ALA C 35 -27.78 -9.74 28.23
C ALA C 35 -29.05 -9.54 27.41
N MET C 36 -29.72 -8.39 27.57
CA MET C 36 -30.87 -8.11 26.72
C MET C 36 -30.44 -7.88 25.27
N ARG C 37 -29.18 -7.49 25.05
CA ARG C 37 -28.68 -7.43 23.69
C ARG C 37 -28.67 -8.81 23.04
N GLY C 38 -28.30 -9.84 23.80
CA GLY C 38 -28.17 -11.18 23.25
C GLY C 38 -29.25 -12.16 23.61
N GLN C 39 -30.45 -11.67 23.96
CA GLN C 39 -31.55 -12.57 24.29
C GLN C 39 -32.00 -13.40 23.09
N ALA C 40 -31.75 -12.93 21.88
CA ALA C 40 -32.08 -13.68 20.67
C ALA C 40 -30.95 -14.60 20.22
N PHE C 41 -29.86 -14.66 20.98
CA PHE C 41 -28.70 -15.47 20.64
C PHE C 41 -28.69 -16.74 21.49
N ALA C 42 -27.61 -17.52 21.39
CA ALA C 42 -27.41 -18.65 22.26
C ALA C 42 -26.92 -18.17 23.63
N GLN C 43 -26.61 -19.12 24.51
CA GLN C 43 -26.20 -18.81 25.87
C GLN C 43 -24.94 -19.59 26.23
N TRP C 44 -24.28 -19.13 27.28
CA TRP C 44 -23.06 -19.77 27.78
C TRP C 44 -23.18 -19.98 29.28
N THR C 45 -22.53 -21.05 29.76
CA THR C 45 -22.53 -21.39 31.18
C THR C 45 -21.10 -21.61 31.64
N TRP C 46 -20.87 -21.40 32.94
CA TRP C 46 -19.57 -21.56 33.56
C TRP C 46 -19.66 -22.59 34.67
N LYS C 47 -18.73 -23.56 34.67
CA LYS C 47 -18.76 -24.62 35.67
C LYS C 47 -18.14 -24.17 36.97
N GLY C 48 -16.85 -23.81 36.95
CA GLY C 48 -16.15 -23.41 38.15
C GLY C 48 -16.30 -21.94 38.47
N LYS C 49 -15.77 -21.56 39.63
CA LYS C 49 -15.79 -20.17 40.07
C LYS C 49 -14.65 -19.35 39.50
N GLY C 50 -13.72 -19.97 38.79
CA GLY C 50 -12.60 -19.25 38.20
C GLY C 50 -12.86 -18.86 36.76
N ARG C 51 -14.13 -18.83 36.36
CA ARG C 51 -14.53 -18.52 34.99
C ARG C 51 -13.87 -19.49 34.00
N THR C 52 -13.82 -20.76 34.38
CA THR C 52 -13.20 -21.79 33.56
C THR C 52 -14.18 -22.23 32.47
N ALA C 53 -13.84 -23.31 31.77
CA ALA C 53 -14.65 -23.78 30.66
C ALA C 53 -16.00 -24.31 31.14
N GLY C 54 -17.02 -24.14 30.31
CA GLY C 54 -18.35 -24.62 30.63
C GLY C 54 -19.07 -25.24 29.45
N LYS C 55 -20.36 -24.95 29.31
CA LYS C 55 -21.17 -25.48 28.22
C LYS C 55 -22.09 -24.39 27.69
N SER C 56 -22.50 -24.53 26.43
CA SER C 56 -23.39 -23.58 25.79
C SER C 56 -24.74 -24.22 25.50
N PHE C 57 -25.74 -23.37 25.31
CA PHE C 57 -27.09 -23.82 25.04
C PHE C 57 -27.90 -22.65 24.49
N ILE C 58 -29.08 -22.97 23.96
CA ILE C 58 -30.06 -21.97 23.56
C ILE C 58 -31.31 -22.17 24.41
N THR C 59 -31.92 -21.05 24.81
CA THR C 59 -33.09 -21.12 25.67
C THR C 59 -34.27 -21.74 24.92
N GLY C 60 -35.04 -22.56 25.63
CA GLY C 60 -36.23 -23.16 25.03
C GLY C 60 -37.27 -22.14 24.62
N THR C 61 -37.36 -21.04 25.37
CA THR C 61 -38.30 -19.98 24.98
C THR C 61 -37.92 -19.37 23.64
N LEU C 62 -36.63 -19.37 23.29
CA LEU C 62 -36.22 -18.81 22.02
C LEU C 62 -36.73 -19.66 20.85
N VAL C 63 -36.54 -20.98 20.93
CA VAL C 63 -37.07 -21.84 19.88
C VAL C 63 -38.59 -21.85 19.91
N ARG C 64 -39.19 -21.64 21.09
CA ARG C 64 -40.64 -21.48 21.15
C ARG C 64 -41.10 -20.27 20.35
N SER C 65 -40.41 -19.14 20.52
CA SER C 65 -40.76 -17.94 19.77
C SER C 65 -40.52 -18.13 18.29
N ALA C 66 -39.46 -18.84 17.92
CA ALA C 66 -39.22 -19.15 16.51
C ALA C 66 -40.35 -19.99 15.94
N VAL C 67 -40.82 -20.98 16.69
CA VAL C 67 -41.93 -21.81 16.24
C VAL C 67 -43.21 -20.98 16.12
N ILE C 68 -43.42 -20.05 17.05
CA ILE C 68 -44.61 -19.19 17.00
C ILE C 68 -44.56 -18.32 15.75
N LYS C 69 -43.40 -17.73 15.46
CA LYS C 69 -43.27 -16.93 14.25
C LYS C 69 -43.50 -17.79 13.00
N ALA C 70 -42.96 -19.00 12.99
CA ALA C 70 -43.11 -19.88 11.83
C ALA C 70 -44.58 -20.24 11.61
N VAL C 71 -45.30 -20.60 12.68
CA VAL C 71 -46.71 -20.97 12.51
C VAL C 71 -47.53 -19.76 12.09
N GLU C 72 -47.23 -18.60 12.66
CA GLU C 72 -47.95 -17.39 12.27
C GLU C 72 -47.78 -17.11 10.78
N GLU C 73 -46.53 -17.12 10.30
CA GLU C 73 -46.29 -16.85 8.88
C GLU C 73 -46.91 -17.92 8.00
N LEU C 74 -46.74 -19.20 8.36
CA LEU C 74 -47.24 -20.28 7.52
C LEU C 74 -48.76 -20.25 7.43
N LEU C 75 -49.44 -20.00 8.55
CA LEU C 75 -50.90 -19.93 8.54
C LEU C 75 -51.37 -18.69 7.80
N SER C 76 -50.63 -17.58 7.90
CA SER C 76 -51.01 -16.38 7.16
C SER C 76 -50.91 -16.60 5.66
N LEU C 77 -49.84 -17.27 5.21
CA LEU C 77 -49.72 -17.59 3.78
C LEU C 77 -50.72 -18.64 3.33
N ASN C 78 -51.29 -19.41 4.25
CA ASN C 78 -52.27 -20.43 3.91
C ASN C 78 -53.71 -19.93 4.00
N ASN C 79 -53.91 -18.66 4.36
CA ASN C 79 -55.25 -18.05 4.46
C ASN C 79 -56.14 -18.78 5.46
N GLY C 80 -55.54 -19.39 6.48
CA GLY C 80 -56.29 -20.05 7.52
C GLY C 80 -56.78 -21.45 7.19
N LYS C 81 -56.40 -22.00 6.04
CA LYS C 81 -56.83 -23.33 5.61
C LYS C 81 -55.62 -24.25 5.67
N TRP C 82 -55.40 -24.85 6.84
CA TRP C 82 -54.29 -25.78 7.04
C TRP C 82 -54.85 -27.20 6.96
N GLU C 83 -54.99 -27.69 5.73
CA GLU C 83 -55.56 -29.01 5.45
C GLU C 83 -56.95 -29.16 6.06
N GLY C 84 -57.76 -28.12 5.93
CA GLY C 84 -59.13 -28.16 6.42
C GLY C 84 -59.29 -27.96 7.91
N VAL C 85 -58.25 -27.53 8.61
CA VAL C 85 -58.32 -27.30 10.05
C VAL C 85 -58.17 -25.81 10.32
N PRO C 86 -59.27 -25.07 10.49
CA PRO C 86 -59.16 -23.64 10.78
C PRO C 86 -58.50 -23.38 12.12
N CYS C 87 -57.78 -22.26 12.19
CA CYS C 87 -57.11 -21.83 13.41
C CYS C 87 -57.51 -20.39 13.72
N CYS C 88 -57.81 -20.13 14.99
CA CYS C 88 -58.18 -18.79 15.40
C CYS C 88 -56.96 -17.88 15.43
N ASN C 89 -57.21 -16.58 15.54
CA ASN C 89 -56.12 -15.60 15.51
C ASN C 89 -55.18 -15.77 16.70
N GLY C 90 -55.69 -16.24 17.84
CA GLY C 90 -54.89 -16.42 19.02
C GLY C 90 -54.86 -15.18 19.89
N SER C 91 -54.49 -15.40 21.16
CA SER C 91 -54.43 -14.34 22.15
C SER C 91 -52.97 -14.00 22.46
N PHE C 92 -52.64 -12.70 22.39
CA PHE C 92 -51.29 -12.23 22.69
C PHE C 92 -51.31 -11.08 23.69
N GLN C 93 -52.36 -10.98 24.51
CA GLN C 93 -52.51 -9.90 25.47
C GLN C 93 -52.43 -10.44 26.89
N THR C 94 -51.86 -9.63 27.79
CA THR C 94 -51.68 -10.02 29.18
C THR C 94 -52.19 -8.94 30.12
N ASP C 95 -51.86 -9.07 31.40
CA ASP C 95 -52.29 -8.13 32.44
C ASP C 95 -53.82 -8.13 32.57
N GLU C 96 -54.36 -9.32 32.83
CA GLU C 96 -55.80 -9.45 33.03
C GLU C 96 -56.20 -8.88 34.39
N SER C 97 -55.45 -9.20 35.44
CA SER C 97 -55.75 -8.74 36.79
C SER C 97 -54.65 -7.87 37.38
N LYS C 98 -53.41 -8.36 37.40
CA LYS C 98 -52.32 -7.61 38.03
C LYS C 98 -51.01 -7.68 37.25
N GLY C 99 -51.07 -7.99 35.96
CA GLY C 99 -49.85 -8.04 35.17
C GLY C 99 -49.42 -9.44 34.79
N LYS C 100 -48.35 -9.93 35.42
CA LYS C 100 -47.77 -11.23 35.10
C LYS C 100 -47.41 -11.35 33.63
N LYS C 101 -46.86 -10.27 33.08
CA LYS C 101 -46.47 -10.27 31.67
C LYS C 101 -45.28 -11.18 31.45
N PRO C 102 -45.16 -11.79 30.26
CA PRO C 102 -44.00 -12.64 29.98
C PRO C 102 -42.72 -11.83 29.91
N SER C 103 -41.60 -12.55 30.05
CA SER C 103 -40.29 -11.91 30.07
C SER C 103 -39.97 -11.22 28.75
N PHE C 104 -40.63 -11.58 27.65
CA PHE C 104 -40.37 -10.99 26.35
C PHE C 104 -41.68 -10.53 25.74
N LEU C 105 -41.71 -9.28 25.28
CA LEU C 105 -42.87 -8.72 24.61
C LEU C 105 -42.83 -9.11 23.13
N ARG C 106 -43.77 -8.59 22.33
CA ARG C 106 -43.84 -8.90 20.90
C ARG C 106 -43.23 -7.80 20.05
N LYS C 107 -43.76 -6.58 20.15
CA LYS C 107 -43.36 -5.42 19.33
C LYS C 107 -43.05 -5.83 17.89
N ARG C 108 -43.95 -6.60 17.31
CA ARG C 108 -43.80 -7.11 15.96
C ARG C 108 -45.12 -7.02 15.21
N HIS C 109 -45.02 -6.93 13.89
CA HIS C 109 -46.21 -6.87 13.04
C HIS C 109 -46.81 -8.27 12.96
N THR C 110 -47.72 -8.57 13.89
CA THR C 110 -48.39 -9.85 13.90
C THR C 110 -49.30 -9.98 12.69
N LEU C 111 -49.30 -11.16 12.07
CA LEU C 111 -50.10 -11.41 10.88
C LEU C 111 -51.35 -12.20 11.27
N GLN C 112 -52.51 -11.67 10.89
CA GLN C 112 -53.79 -12.30 11.18
C GLN C 112 -54.66 -12.27 9.93
N TRP C 113 -55.89 -12.74 10.07
CA TRP C 113 -56.82 -12.84 8.96
C TRP C 113 -57.93 -11.80 9.09
N GLN C 114 -58.90 -11.87 8.19
CA GLN C 114 -60.05 -10.96 8.25
C GLN C 114 -60.92 -11.29 9.46
N ALA C 115 -61.48 -12.51 9.49
CA ALA C 115 -62.27 -12.95 10.62
C ALA C 115 -61.62 -14.12 11.35
N ASN C 116 -61.35 -15.23 10.65
CA ASN C 116 -60.69 -16.40 11.23
C ASN C 116 -61.38 -16.88 12.51
N ASN C 117 -62.72 -16.88 12.49
CA ASN C 117 -63.52 -17.27 13.63
C ASN C 117 -64.51 -18.34 13.19
N LYS C 118 -64.07 -19.60 13.23
CA LYS C 118 -64.98 -20.70 12.94
C LYS C 118 -65.93 -20.93 14.11
N ASN C 119 -65.40 -20.91 15.33
CA ASN C 119 -66.21 -21.06 16.53
C ASN C 119 -65.41 -20.57 17.72
N ILE C 120 -66.11 -20.33 18.83
CA ILE C 120 -65.44 -19.92 20.07
C ILE C 120 -64.68 -21.11 20.63
N CYS C 121 -63.40 -20.90 20.93
CA CYS C 121 -62.52 -21.97 21.41
C CYS C 121 -62.29 -21.82 22.90
N ASP C 122 -62.52 -22.92 23.62
CA ASP C 122 -62.25 -22.97 25.06
C ASP C 122 -61.33 -24.16 25.35
N LYS C 123 -61.13 -24.49 26.62
CA LYS C 123 -60.26 -25.61 26.96
C LYS C 123 -61.02 -26.94 26.88
N GLU C 124 -61.77 -27.12 25.80
CA GLU C 124 -62.38 -28.41 25.46
C GLU C 124 -62.11 -28.80 24.01
N GLU C 125 -62.11 -27.85 23.09
CA GLU C 125 -61.86 -28.09 21.67
C GLU C 125 -60.94 -27.01 21.14
N ALA C 126 -59.84 -26.76 21.86
CA ALA C 126 -58.95 -25.67 21.52
C ALA C 126 -58.34 -25.86 20.13
N CYS C 127 -58.10 -24.74 19.45
CA CYS C 127 -57.52 -24.76 18.13
C CYS C 127 -56.09 -25.27 18.19
N PRO C 128 -55.58 -25.83 17.08
CA PRO C 128 -54.16 -26.23 17.07
C PRO C 128 -53.23 -25.07 17.37
N PHE C 129 -53.57 -23.86 16.93
CA PHE C 129 -52.80 -22.69 17.31
C PHE C 129 -52.84 -22.46 18.81
N CYS C 130 -54.01 -22.66 19.43
CA CYS C 130 -54.11 -22.55 20.88
C CYS C 130 -53.23 -23.58 21.57
N ILE C 131 -53.21 -24.82 21.06
CA ILE C 131 -52.38 -25.86 21.66
C ILE C 131 -50.92 -25.51 21.54
N LEU C 132 -50.49 -25.02 20.36
CA LEU C 132 -49.10 -24.65 20.18
C LEU C 132 -48.71 -23.49 21.10
N LEU C 133 -49.60 -22.50 21.24
CA LEU C 133 -49.37 -21.45 22.23
C LEU C 133 -49.51 -21.97 23.66
N GLY C 134 -50.35 -22.98 23.86
CA GLY C 134 -50.60 -23.50 25.19
C GLY C 134 -51.34 -22.53 26.08
N ARG C 135 -52.31 -21.79 25.53
CA ARG C 135 -53.07 -20.84 26.32
C ARG C 135 -54.00 -21.55 27.32
N PHE C 136 -54.48 -22.74 26.96
CA PHE C 136 -55.38 -23.51 27.81
C PHE C 136 -54.66 -24.70 28.46
N ASP C 137 -53.39 -24.51 28.82
CA ASP C 137 -52.61 -25.57 29.45
C ASP C 137 -52.93 -25.64 30.94
N ASN C 138 -52.15 -26.42 31.68
CA ASN C 138 -52.33 -26.60 33.12
C ASN C 138 -51.15 -26.07 33.92
N ALA C 139 -50.30 -25.24 33.31
CA ALA C 139 -49.13 -24.69 33.96
C ALA C 139 -49.07 -23.19 33.75
N GLY C 140 -48.49 -22.49 34.73
CA GLY C 140 -48.39 -21.06 34.71
C GLY C 140 -46.99 -20.57 34.33
N LYS C 141 -46.78 -19.27 34.55
CA LYS C 141 -45.52 -18.62 34.23
C LYS C 141 -44.56 -18.51 35.40
N VAL C 142 -45.05 -18.65 36.63
CA VAL C 142 -44.19 -18.44 37.80
C VAL C 142 -43.12 -19.52 37.89
N HIS C 143 -43.51 -20.79 37.70
CA HIS C 143 -42.57 -21.89 37.78
C HIS C 143 -43.21 -23.12 37.17
N GLU C 144 -42.37 -24.10 36.82
CA GLU C 144 -42.86 -25.35 36.28
C GLU C 144 -43.31 -26.31 37.38
N ARG C 145 -42.38 -26.72 38.23
CA ARG C 145 -42.63 -27.57 39.40
C ARG C 145 -43.08 -28.97 39.00
N ASN C 146 -43.29 -29.20 37.71
CA ASN C 146 -43.75 -30.48 37.17
C ASN C 146 -43.77 -30.34 35.64
N LYS C 147 -44.05 -31.46 34.98
CA LYS C 147 -44.24 -31.48 33.53
C LYS C 147 -45.71 -31.25 33.17
N ASP C 148 -46.28 -30.17 33.69
CA ASP C 148 -47.70 -29.88 33.48
C ASP C 148 -47.96 -29.11 32.18
N TYR C 149 -46.93 -28.68 31.47
CA TYR C 149 -47.12 -27.95 30.23
C TYR C 149 -47.74 -28.85 29.17
N ASP C 150 -48.69 -28.29 28.40
CA ASP C 150 -49.20 -29.01 27.24
C ASP C 150 -48.10 -29.23 26.21
N ILE C 151 -47.26 -28.21 26.00
CA ILE C 151 -46.07 -28.32 25.16
C ILE C 151 -44.89 -27.76 25.94
N HIS C 152 -43.77 -28.47 25.88
CA HIS C 152 -42.57 -28.08 26.61
C HIS C 152 -41.40 -28.01 25.64
N PHE C 153 -40.65 -26.91 25.70
CA PHE C 153 -39.47 -26.70 24.87
C PHE C 153 -38.27 -26.61 25.82
N SER C 154 -37.58 -27.74 26.00
CA SER C 154 -36.50 -27.84 26.98
C SER C 154 -35.21 -27.26 26.38
N ASN C 155 -34.10 -27.50 27.06
CA ASN C 155 -32.80 -27.02 26.61
C ASN C 155 -32.37 -27.74 25.32
N PHE C 156 -31.46 -27.09 24.59
CA PHE C 156 -30.89 -27.63 23.37
C PHE C 156 -29.37 -27.68 23.58
N ASP C 157 -28.89 -28.77 24.16
CA ASP C 157 -27.49 -28.91 24.47
C ASP C 157 -26.69 -29.25 23.21
N LEU C 158 -25.39 -29.46 23.38
CA LEU C 158 -24.51 -29.68 22.25
C LEU C 158 -24.76 -31.06 21.63
N ASP C 159 -24.13 -31.28 20.48
CA ASP C 159 -24.15 -32.58 19.81
C ASP C 159 -23.07 -33.47 20.42
N HIS C 160 -22.77 -34.58 19.75
CA HIS C 160 -21.75 -35.50 20.25
C HIS C 160 -20.36 -34.89 20.26
N LYS C 161 -20.16 -33.76 19.59
CA LYS C 161 -18.86 -33.11 19.56
C LYS C 161 -18.42 -32.59 20.92
N GLN C 162 -19.34 -32.43 21.88
CA GLN C 162 -18.99 -31.94 23.21
C GLN C 162 -18.66 -33.14 24.11
N GLU C 163 -17.41 -33.57 24.01
CA GLU C 163 -16.93 -34.66 24.86
C GLU C 163 -16.73 -34.13 26.27
N LYS C 164 -16.57 -35.06 27.21
CA LYS C 164 -16.49 -34.76 28.65
C LYS C 164 -15.23 -33.98 29.05
N ASN C 165 -14.42 -33.52 28.09
CA ASN C 165 -13.21 -32.77 28.39
C ASN C 165 -13.49 -31.37 28.91
N ASP C 166 -14.75 -30.92 28.91
CA ASP C 166 -15.12 -29.56 29.32
C ASP C 166 -14.41 -28.54 28.42
N LEU C 167 -14.84 -28.54 27.15
CA LEU C 167 -14.19 -27.77 26.10
C LEU C 167 -14.07 -26.29 26.46
N ARG C 168 -12.91 -25.72 26.16
CA ARG C 168 -12.64 -24.31 26.42
C ARG C 168 -13.50 -23.43 25.53
N LEU C 169 -13.85 -22.25 26.06
CA LEU C 169 -14.65 -21.28 25.30
C LEU C 169 -13.92 -20.82 24.04
N VAL C 170 -12.59 -20.80 24.07
CA VAL C 170 -11.83 -20.36 22.91
C VAL C 170 -12.03 -21.31 21.74
N ASP C 171 -12.16 -22.61 22.02
CA ASP C 171 -12.36 -23.59 20.97
C ASP C 171 -13.74 -23.49 20.33
N ILE C 172 -14.70 -22.83 20.99
CA ILE C 172 -16.05 -22.76 20.47
C ILE C 172 -16.46 -21.32 20.11
N ALA C 173 -15.92 -20.32 20.79
CA ALA C 173 -16.31 -18.93 20.54
C ALA C 173 -15.08 -18.07 20.34
N SER C 174 -15.20 -17.07 19.46
CA SER C 174 -14.14 -16.13 19.16
C SER C 174 -14.68 -14.72 19.22
N GLY C 175 -13.97 -13.83 19.90
CA GLY C 175 -14.41 -12.45 20.02
C GLY C 175 -14.42 -11.75 18.67
N ARG C 176 -15.38 -10.85 18.50
CA ARG C 176 -15.55 -10.12 17.25
C ARG C 176 -16.26 -8.82 17.54
N ILE C 177 -16.15 -7.88 16.59
CA ILE C 177 -16.73 -6.55 16.72
C ILE C 177 -17.70 -6.32 15.58
N LEU C 178 -18.89 -5.79 15.89
CA LEU C 178 -19.87 -5.41 14.90
C LEU C 178 -20.06 -3.90 14.94
N ASN C 179 -20.18 -3.31 13.75
CA ASN C 179 -20.17 -1.86 13.58
C ASN C 179 -21.50 -1.38 13.01
N ARG C 180 -21.62 -0.07 12.86
CA ARG C 180 -22.77 0.57 12.23
C ARG C 180 -22.31 1.90 11.66
N VAL C 181 -22.72 2.19 10.42
CA VAL C 181 -22.19 3.31 9.66
C VAL C 181 -23.34 4.16 9.15
N ASP C 182 -23.24 5.47 9.33
CA ASP C 182 -24.24 6.40 8.83
C ASP C 182 -24.01 6.66 7.35
N PHE C 183 -25.02 7.24 6.70
CA PHE C 183 -24.96 7.48 5.25
C PHE C 183 -24.11 8.70 4.92
N ASP C 184 -24.48 9.87 5.45
CA ASP C 184 -23.83 11.11 5.05
C ASP C 184 -22.35 11.08 5.36
N THR C 185 -21.99 10.65 6.56
CA THR C 185 -20.59 10.47 6.93
C THR C 185 -20.17 9.04 6.64
N GLY C 186 -18.97 8.66 7.07
CA GLY C 186 -18.50 7.31 6.91
C GLY C 186 -17.86 6.77 8.17
N LYS C 187 -17.74 7.62 9.18
CA LYS C 187 -17.14 7.23 10.44
C LYS C 187 -18.04 6.23 11.18
N ALA C 188 -17.41 5.35 11.95
CA ALA C 188 -18.12 4.38 12.77
C ALA C 188 -18.87 5.11 13.87
N LYS C 189 -20.20 5.19 13.73
CA LYS C 189 -21.00 5.84 14.77
C LYS C 189 -20.94 5.07 16.07
N ASP C 190 -20.93 3.74 16.00
CA ASP C 190 -20.89 2.92 17.21
C ASP C 190 -20.42 1.52 16.87
N TYR C 191 -19.76 0.89 17.84
CA TYR C 191 -19.30 -0.49 17.72
C TYR C 191 -19.64 -1.22 19.00
N PHE C 192 -19.75 -2.54 18.91
CA PHE C 192 -20.02 -3.34 20.10
C PHE C 192 -19.47 -4.75 19.89
N ARG C 193 -19.22 -5.42 21.02
CA ARG C 193 -18.63 -6.75 21.01
C ARG C 193 -19.66 -7.79 20.58
N THR C 194 -19.15 -8.90 20.03
CA THR C 194 -19.97 -10.05 19.71
C THR C 194 -19.10 -11.30 19.78
N TRP C 195 -19.77 -12.45 19.93
CA TRP C 195 -19.06 -13.71 20.16
C TRP C 195 -19.38 -14.72 19.05
N GLU C 196 -19.28 -14.29 17.80
CA GLU C 196 -19.55 -15.13 16.65
C GLU C 196 -18.80 -16.46 16.75
N ALA C 197 -19.57 -17.55 16.77
CA ALA C 197 -19.02 -18.89 16.93
C ALA C 197 -18.77 -19.52 15.56
N ASP C 198 -18.51 -20.82 15.54
CA ASP C 198 -18.19 -21.55 14.33
C ASP C 198 -19.21 -22.66 14.09
N TYR C 199 -19.47 -22.95 12.82
CA TYR C 199 -20.39 -24.00 12.43
C TYR C 199 -19.67 -25.26 11.95
N GLU C 200 -18.34 -25.30 12.08
CA GLU C 200 -17.57 -26.43 11.58
C GLU C 200 -17.68 -27.63 12.52
N THR C 201 -17.23 -27.46 13.77
CA THR C 201 -17.28 -28.53 14.76
C THR C 201 -18.47 -28.38 15.71
N TYR C 202 -18.56 -27.25 16.39
CA TYR C 202 -19.65 -27.01 17.34
C TYR C 202 -20.82 -26.28 16.69
N GLY C 203 -21.30 -26.83 15.57
CA GLY C 203 -22.41 -26.26 14.84
C GLY C 203 -23.72 -26.99 14.95
N THR C 204 -23.85 -27.95 15.87
CA THR C 204 -25.07 -28.73 16.01
C THR C 204 -25.50 -28.74 17.48
N TYR C 205 -26.80 -28.55 17.69
CA TYR C 205 -27.39 -28.60 19.02
C TYR C 205 -28.56 -29.57 19.02
N THR C 206 -28.72 -30.32 20.10
CA THR C 206 -29.78 -31.31 20.23
C THR C 206 -30.68 -30.94 21.40
N GLY C 207 -31.98 -30.91 21.16
CA GLY C 207 -32.94 -30.59 22.20
C GLY C 207 -34.16 -31.48 22.11
N ARG C 208 -34.83 -31.63 23.25
CA ARG C 208 -36.02 -32.46 23.35
C ARG C 208 -37.25 -31.58 23.57
N ILE C 209 -38.32 -31.87 22.83
CA ILE C 209 -39.57 -31.15 22.95
C ILE C 209 -40.69 -32.16 23.21
N THR C 210 -41.63 -31.79 24.06
CA THR C 210 -42.74 -32.66 24.44
C THR C 210 -44.05 -32.02 24.02
N LEU C 211 -44.96 -32.86 23.50
CA LEU C 211 -46.29 -32.42 23.08
C LEU C 211 -47.32 -33.38 23.67
N ARG C 212 -47.84 -33.03 24.84
CA ARG C 212 -48.83 -33.89 25.49
C ARG C 212 -50.10 -34.01 24.66
N ASN C 213 -50.57 -32.89 24.10
CA ASN C 213 -51.76 -32.92 23.27
C ASN C 213 -51.45 -33.56 21.92
N GLU C 214 -52.50 -34.05 21.27
CA GLU C 214 -52.37 -34.79 20.01
C GLU C 214 -52.67 -33.94 18.78
N HIS C 215 -53.68 -33.06 18.84
CA HIS C 215 -54.09 -32.31 17.66
C HIS C 215 -53.21 -31.10 17.42
N ALA C 216 -51.89 -31.28 17.47
CA ALA C 216 -50.96 -30.21 17.14
C ALA C 216 -49.73 -30.69 16.37
N LYS C 217 -49.66 -31.98 16.01
CA LYS C 217 -48.42 -32.53 15.48
C LYS C 217 -48.09 -31.98 14.10
N LYS C 218 -49.08 -31.91 13.20
CA LYS C 218 -48.81 -31.51 11.83
C LYS C 218 -48.30 -30.08 11.76
N LEU C 219 -48.96 -29.16 12.47
CA LEU C 219 -48.53 -27.77 12.44
C LEU C 219 -47.17 -27.60 13.10
N LEU C 220 -46.92 -28.33 14.19
CA LEU C 220 -45.62 -28.23 14.85
C LEU C 220 -44.49 -28.73 13.94
N LEU C 221 -44.71 -29.85 13.25
CA LEU C 221 -43.70 -30.35 12.32
C LEU C 221 -43.49 -29.38 11.16
N ALA C 222 -44.57 -28.80 10.63
CA ALA C 222 -44.44 -27.84 9.55
C ALA C 222 -43.66 -26.61 10.00
N SER C 223 -43.93 -26.12 11.20
CA SER C 223 -43.18 -24.99 11.75
C SER C 223 -41.70 -25.35 11.94
N LEU C 224 -41.44 -26.55 12.47
CA LEU C 224 -40.06 -26.95 12.71
C LEU C 224 -39.29 -27.05 11.40
N GLY C 225 -39.93 -27.55 10.35
CA GLY C 225 -39.33 -27.56 9.03
C GLY C 225 -39.37 -26.24 8.29
N PHE C 226 -40.07 -25.23 8.84
CA PHE C 226 -40.18 -23.93 8.20
C PHE C 226 -39.29 -22.86 8.82
N VAL C 227 -38.90 -23.02 10.09
CA VAL C 227 -38.13 -21.97 10.77
C VAL C 227 -36.76 -21.84 10.11
N ASP C 228 -36.35 -20.58 9.88
CA ASP C 228 -35.07 -20.31 9.23
C ASP C 228 -34.28 -19.23 9.97
N LYS C 229 -34.58 -18.98 11.24
CA LYS C 229 -33.92 -17.94 12.00
C LYS C 229 -33.69 -18.45 13.41
N LEU C 230 -32.42 -18.55 13.81
CA LEU C 230 -32.09 -19.13 15.11
C LEU C 230 -30.69 -18.65 15.50
N CYS C 231 -30.62 -17.83 16.55
CA CYS C 231 -29.40 -17.25 17.11
C CYS C 231 -28.72 -16.26 16.17
N GLY C 232 -29.30 -15.99 15.01
CA GLY C 232 -28.71 -15.03 14.09
C GLY C 232 -28.02 -15.69 12.91
N ALA C 233 -28.47 -16.89 12.55
CA ALA C 233 -27.87 -17.62 11.45
C ALA C 233 -28.88 -18.62 10.91
N LEU C 234 -28.61 -19.09 9.69
CA LEU C 234 -29.46 -20.10 9.07
C LEU C 234 -29.37 -21.42 9.85
N CYS C 235 -30.48 -22.15 9.86
CA CYS C 235 -30.54 -23.41 10.58
C CYS C 235 -31.44 -24.39 9.85
N ARG C 236 -31.06 -25.66 9.86
CA ARG C 236 -31.88 -26.74 9.33
C ARG C 236 -32.30 -27.63 10.49
N ILE C 237 -33.59 -27.90 10.59
CA ILE C 237 -34.16 -28.62 11.72
C ILE C 237 -34.72 -29.95 11.24
N GLU C 238 -34.32 -31.03 11.91
CA GLU C 238 -34.82 -32.37 11.61
C GLU C 238 -35.15 -33.08 12.91
N VAL C 239 -36.06 -34.05 12.82
CA VAL C 239 -36.54 -34.79 13.98
C VAL C 239 -35.80 -36.13 14.04
N ILE C 240 -35.22 -36.42 15.20
CA ILE C 240 -34.50 -37.67 15.40
C ILE C 240 -35.20 -38.52 16.46
N HIS C 269 4.81 -23.84 23.07
CA HIS C 269 5.88 -23.20 22.30
C HIS C 269 6.04 -21.74 22.68
N ASN C 270 5.05 -21.21 23.40
CA ASN C 270 5.06 -19.80 23.79
C ASN C 270 6.19 -19.46 24.76
N ASP C 271 6.83 -20.47 25.37
CA ASP C 271 7.96 -20.27 26.25
C ASP C 271 9.29 -20.45 25.53
N GLU C 272 9.44 -21.53 24.76
CA GLU C 272 10.68 -21.76 24.03
C GLU C 272 10.90 -20.69 22.97
N LEU C 273 9.85 -20.31 22.24
CA LEU C 273 10.00 -19.23 21.26
C LEU C 273 10.23 -17.89 21.93
N ARG C 274 9.63 -17.66 23.11
CA ARG C 274 9.90 -16.44 23.85
C ARG C 274 11.37 -16.35 24.25
N LYS C 275 11.92 -17.46 24.77
CA LYS C 275 13.33 -17.48 25.14
C LYS C 275 14.23 -17.31 23.93
N GLN C 276 13.86 -17.94 22.81
CA GLN C 276 14.65 -17.80 21.58
C GLN C 276 14.64 -16.35 21.08
N ALA C 277 13.47 -15.71 21.13
CA ALA C 277 13.39 -14.31 20.72
C ALA C 277 14.23 -13.42 21.63
N GLU C 278 14.19 -13.67 22.93
CA GLU C 278 15.03 -12.91 23.85
C GLU C 278 16.51 -13.12 23.54
N VAL C 279 16.90 -14.36 23.26
CA VAL C 279 18.30 -14.66 22.97
C VAL C 279 18.75 -13.95 21.70
N ILE C 280 17.94 -14.02 20.65
CA ILE C 280 18.32 -13.41 19.38
C ILE C 280 18.34 -11.88 19.50
N VAL C 281 17.41 -11.31 20.27
CA VAL C 281 17.42 -9.87 20.48
C VAL C 281 18.68 -9.44 21.23
N GLU C 282 19.05 -10.20 22.27
CA GLU C 282 20.28 -9.88 23.00
C GLU C 282 21.51 -10.01 22.09
N ALA C 283 21.54 -11.06 21.26
CA ALA C 283 22.68 -11.25 20.37
C ALA C 283 22.80 -10.10 19.38
N PHE C 284 21.68 -9.65 18.82
CA PHE C 284 21.70 -8.48 17.95
C PHE C 284 22.08 -7.22 18.73
N LYS C 285 21.76 -7.17 20.02
CA LYS C 285 22.13 -6.02 20.84
C LYS C 285 23.64 -5.93 21.00
N GLN C 286 24.29 -7.03 21.36
CA GLN C 286 25.76 -7.00 21.39
C GLN C 286 26.35 -6.95 19.98
N ASN C 287 25.56 -7.24 18.95
CA ASN C 287 26.01 -7.05 17.58
C ASN C 287 25.88 -5.61 17.09
N ASP C 288 25.61 -4.68 18.00
CA ASP C 288 25.52 -3.25 17.71
C ASP C 288 24.33 -2.93 16.80
N LYS C 289 23.54 -3.93 16.44
CA LYS C 289 22.36 -3.73 15.59
C LYS C 289 21.11 -3.61 16.47
N LEU C 290 21.14 -2.61 17.37
CA LEU C 290 20.02 -2.41 18.28
C LEU C 290 18.77 -1.99 17.52
N GLU C 291 18.91 -1.09 16.54
CA GLU C 291 17.76 -0.63 15.78
C GLU C 291 17.26 -1.71 14.81
N LYS C 292 18.15 -2.60 14.39
CA LYS C 292 17.85 -3.62 13.39
C LYS C 292 17.12 -4.83 13.96
N ILE C 293 16.51 -4.72 15.14
CA ILE C 293 15.83 -5.85 15.77
C ILE C 293 14.35 -5.83 15.41
N ARG C 294 13.99 -5.08 14.38
CA ARG C 294 12.61 -4.98 13.90
C ARG C 294 12.48 -5.27 12.42
N ILE C 295 13.45 -4.86 11.61
CA ILE C 295 13.40 -5.11 10.18
C ILE C 295 13.53 -6.59 9.85
N LEU C 296 14.25 -7.38 10.66
CA LEU C 296 14.27 -8.81 10.43
C LEU C 296 12.95 -9.45 10.82
N ALA C 297 12.29 -8.92 11.86
CA ALA C 297 10.97 -9.42 12.24
C ALA C 297 9.96 -9.16 11.13
N ASP C 298 10.05 -7.99 10.50
CA ASP C 298 9.17 -7.70 9.37
C ASP C 298 9.35 -8.72 8.25
N ALA C 299 10.61 -9.03 7.91
CA ALA C 299 10.86 -9.98 6.82
C ALA C 299 10.49 -11.40 7.23
N ILE C 300 10.64 -11.74 8.50
CA ILE C 300 10.26 -13.07 8.97
C ILE C 300 8.75 -13.24 8.90
N ARG C 301 7.99 -12.23 9.32
CA ARG C 301 6.54 -12.27 9.13
C ARG C 301 6.18 -12.28 7.65
N THR C 302 7.01 -11.64 6.82
CA THR C 302 6.81 -11.71 5.37
C THR C 302 7.02 -13.12 4.84
N LEU C 303 7.76 -13.97 5.55
CA LEU C 303 8.07 -15.31 5.06
C LEU C 303 6.84 -16.18 4.88
N ARG C 304 5.72 -15.83 5.54
CA ARG C 304 4.51 -16.64 5.39
C ARG C 304 4.00 -16.62 3.96
N LEU C 305 4.29 -15.55 3.22
CA LEU C 305 3.93 -15.51 1.80
C LEU C 305 4.68 -16.59 1.02
N HIS C 306 5.95 -16.79 1.34
CA HIS C 306 6.78 -17.77 0.66
C HIS C 306 6.62 -19.14 1.32
N GLY C 307 7.24 -20.16 0.73
CA GLY C 307 7.12 -21.52 1.21
C GLY C 307 8.16 -21.87 2.26
N GLU C 308 8.17 -23.15 2.61
CA GLU C 308 9.14 -23.64 3.60
C GLU C 308 10.56 -23.51 3.10
N GLY C 309 10.79 -23.76 1.81
CA GLY C 309 12.13 -23.73 1.25
C GLY C 309 12.78 -22.36 1.22
N VAL C 310 12.04 -21.30 1.53
CA VAL C 310 12.61 -19.96 1.54
C VAL C 310 13.69 -19.81 2.61
N ILE C 311 13.68 -20.67 3.62
CA ILE C 311 14.69 -20.63 4.68
C ILE C 311 15.27 -22.02 4.88
N GLU C 312 14.62 -23.03 4.31
CA GLU C 312 15.00 -24.42 4.51
C GLU C 312 15.81 -25.00 3.36
N LYS C 313 15.50 -24.65 2.13
CA LYS C 313 16.17 -25.25 0.98
C LYS C 313 17.67 -24.95 1.00
N ASP C 314 18.05 -23.70 0.78
CA ASP C 314 19.44 -23.29 0.96
C ASP C 314 19.60 -22.21 2.03
N GLU C 315 18.98 -21.04 1.83
CA GLU C 315 19.15 -19.90 2.72
C GLU C 315 18.35 -18.70 2.22
N LEU C 316 18.36 -17.62 3.00
CA LEU C 316 17.95 -16.30 2.50
C LEU C 316 18.97 -15.86 1.44
N PRO C 317 18.73 -14.73 0.77
CA PRO C 317 19.73 -14.22 -0.17
C PRO C 317 21.11 -14.09 0.47
N ASP C 318 22.13 -14.56 -0.26
CA ASP C 318 23.47 -14.66 0.31
C ASP C 318 24.04 -13.30 0.66
N GLY C 319 23.88 -12.32 -0.21
CA GLY C 319 24.42 -10.99 0.04
C GLY C 319 25.58 -10.63 -0.87
N LYS C 320 26.56 -9.92 -0.32
CA LYS C 320 27.71 -9.49 -1.12
C LYS C 320 28.46 -10.71 -1.65
N GLU C 321 28.80 -10.68 -2.94
CA GLU C 321 29.38 -11.84 -3.59
C GLU C 321 30.80 -12.13 -3.08
N GLU C 322 31.62 -11.08 -2.92
CA GLU C 322 33.02 -11.28 -2.60
C GLU C 322 33.49 -10.47 -1.40
N ARG C 323 32.59 -9.76 -0.70
CA ARG C 323 33.00 -8.99 0.46
C ARG C 323 33.32 -9.86 1.68
N ASP C 324 33.02 -11.16 1.62
CA ASP C 324 33.25 -12.10 2.72
C ASP C 324 32.53 -11.62 3.99
N LYS C 325 31.32 -11.10 3.80
CA LYS C 325 30.48 -10.68 4.92
C LYS C 325 29.04 -11.17 4.82
N GLY C 326 28.63 -11.73 3.69
CA GLY C 326 27.28 -12.22 3.53
C GLY C 326 26.27 -11.08 3.42
N HIS C 327 25.01 -11.46 3.56
CA HIS C 327 23.92 -10.49 3.52
C HIS C 327 23.99 -9.57 4.73
N HIS C 328 23.57 -8.33 4.55
CA HIS C 328 23.71 -7.33 5.61
C HIS C 328 22.86 -7.67 6.83
N LEU C 329 21.87 -8.56 6.69
CA LEU C 329 21.02 -8.94 7.81
C LEU C 329 20.88 -10.44 8.02
N TRP C 330 20.91 -11.25 6.97
CA TRP C 330 20.58 -12.67 7.11
C TRP C 330 21.79 -13.57 7.26
N ASP C 331 22.93 -13.21 6.68
CA ASP C 331 24.17 -13.96 6.91
C ASP C 331 24.99 -13.32 8.01
N ILE C 332 24.35 -13.19 9.18
CA ILE C 332 24.96 -12.60 10.37
C ILE C 332 25.16 -13.71 11.40
N LYS C 333 26.38 -13.82 11.91
CA LYS C 333 26.71 -14.85 12.89
C LYS C 333 26.01 -14.56 14.20
N VAL C 334 24.98 -15.35 14.52
CA VAL C 334 24.23 -15.22 15.77
C VAL C 334 24.45 -16.50 16.57
N GLN C 335 24.99 -16.33 17.79
CA GLN C 335 25.35 -17.46 18.65
C GLN C 335 26.26 -18.44 17.91
N GLY C 336 27.22 -17.90 17.16
CA GLY C 336 28.12 -18.71 16.39
C GLY C 336 27.64 -18.99 14.98
N THR C 337 26.54 -19.73 14.86
CA THR C 337 26.00 -20.06 13.56
C THR C 337 25.38 -18.84 12.89
N ALA C 338 25.25 -18.91 11.57
CA ALA C 338 24.66 -17.82 10.82
C ALA C 338 23.16 -17.74 11.05
N LEU C 339 22.61 -16.54 10.85
CA LEU C 339 21.16 -16.36 10.99
C LEU C 339 20.38 -17.13 9.94
N ARG C 340 20.98 -17.41 8.79
CA ARG C 340 20.35 -18.25 7.78
C ARG C 340 20.40 -19.73 8.14
N THR C 341 21.13 -20.10 9.18
CA THR C 341 21.20 -21.46 9.67
C THR C 341 20.64 -21.64 11.07
N LYS C 342 20.72 -20.62 11.92
CA LYS C 342 20.11 -20.70 13.24
C LYS C 342 18.59 -20.84 13.11
N LEU C 343 17.99 -20.04 12.23
CA LEU C 343 16.55 -20.17 11.98
C LEU C 343 16.22 -21.47 11.28
N LYS C 344 17.13 -21.99 10.45
CA LYS C 344 16.92 -23.31 9.86
C LYS C 344 16.87 -24.39 10.93
N GLU C 345 17.77 -24.32 11.90
CA GLU C 345 17.74 -25.26 13.02
C GLU C 345 16.47 -25.09 13.85
N LEU C 346 16.04 -23.84 14.04
CA LEU C 346 14.78 -23.59 14.74
C LEU C 346 13.61 -24.24 14.02
N TRP C 347 13.56 -24.09 12.70
CA TRP C 347 12.51 -24.72 11.91
C TRP C 347 12.58 -26.23 12.00
N GLN C 348 13.79 -26.80 11.96
CA GLN C 348 13.94 -28.24 12.08
C GLN C 348 13.45 -28.73 13.43
N SER C 349 13.67 -27.95 14.48
CA SER C 349 13.22 -28.32 15.81
C SER C 349 11.75 -28.00 16.05
N ASN C 350 11.11 -27.22 15.19
CA ASN C 350 9.73 -26.80 15.39
C ASN C 350 8.91 -27.00 14.12
N LYS C 351 9.00 -28.20 13.54
CA LYS C 351 8.20 -28.53 12.35
C LYS C 351 6.75 -28.86 12.70
N ASP C 352 6.41 -28.98 13.98
CA ASP C 352 5.10 -29.51 14.35
C ASP C 352 3.96 -28.59 13.94
N ILE C 353 4.15 -27.28 14.08
CA ILE C 353 3.04 -26.34 13.91
C ILE C 353 3.00 -25.78 12.50
N GLY C 354 3.72 -26.42 11.58
CA GLY C 354 3.67 -26.03 10.18
C GLY C 354 4.41 -24.74 9.90
N TRP C 355 4.29 -24.28 8.65
CA TRP C 355 5.04 -23.11 8.20
C TRP C 355 4.38 -21.81 8.64
N ARG C 356 3.11 -21.61 8.30
CA ARG C 356 2.45 -20.33 8.56
C ARG C 356 2.34 -20.06 10.06
N LYS C 357 1.87 -21.06 10.82
CA LYS C 357 1.65 -20.87 12.24
C LYS C 357 2.95 -20.72 13.02
N PHE C 358 4.07 -21.18 12.47
CA PHE C 358 5.37 -20.97 13.11
C PHE C 358 5.96 -19.62 12.73
N THR C 359 5.90 -19.26 11.45
CA THR C 359 6.45 -17.98 11.01
C THR C 359 5.72 -16.81 11.66
N GLU C 360 4.37 -16.86 11.67
CA GLU C 360 3.61 -15.79 12.27
C GLU C 360 3.85 -15.71 13.77
N MET C 361 3.92 -16.86 14.44
CA MET C 361 4.16 -16.87 15.88
C MET C 361 5.54 -16.32 16.22
N LEU C 362 6.56 -16.70 15.45
CA LEU C 362 7.90 -16.19 15.70
C LEU C 362 7.98 -14.68 15.41
N GLY C 363 7.27 -14.22 14.37
CA GLY C 363 7.21 -12.79 14.13
C GLY C 363 6.55 -12.03 15.27
N SER C 364 5.45 -12.57 15.79
CA SER C 364 4.79 -11.94 16.93
C SER C 364 5.70 -11.93 18.15
N ASN C 365 6.46 -13.02 18.35
CA ASN C 365 7.40 -13.06 19.46
C ASN C 365 8.48 -12.00 19.31
N LEU C 366 8.98 -11.80 18.09
CA LEU C 366 9.98 -10.76 17.86
C LEU C 366 9.39 -9.36 18.10
N TYR C 367 8.16 -9.14 17.65
CA TYR C 367 7.50 -7.86 17.91
C TYR C 367 7.37 -7.61 19.42
N LEU C 368 6.97 -8.63 20.16
CA LEU C 368 6.86 -8.49 21.61
C LEU C 368 8.22 -8.25 22.24
N ILE C 369 9.25 -8.92 21.74
CA ILE C 369 10.60 -8.74 22.26
C ILE C 369 11.06 -7.31 22.08
N TYR C 370 10.80 -6.73 20.91
CA TYR C 370 11.17 -5.33 20.68
C TYR C 370 10.34 -4.40 21.57
N LYS C 371 9.02 -4.63 21.62
CA LYS C 371 8.13 -3.71 22.31
C LYS C 371 8.27 -3.78 23.83
N LYS C 372 8.89 -4.84 24.35
CA LYS C 372 9.12 -4.90 25.79
C LYS C 372 10.11 -3.84 26.26
N GLU C 373 10.91 -3.28 25.35
CA GLU C 373 11.77 -2.14 25.66
C GLU C 373 11.61 -0.97 24.70
N THR C 374 11.08 -1.18 23.49
CA THR C 374 10.89 -0.13 22.50
C THR C 374 12.17 0.64 22.22
N GLY C 385 -11.26 8.45 22.99
CA GLY C 385 -11.85 7.13 22.98
C GLY C 385 -13.11 7.04 22.16
N ASP C 386 -13.43 5.84 21.68
CA ASP C 386 -14.62 5.61 20.88
C ASP C 386 -15.82 5.38 21.79
N THR C 387 -16.95 4.99 21.20
CA THR C 387 -18.18 4.80 21.95
C THR C 387 -18.81 3.46 21.57
N GLU C 388 -19.50 2.87 22.54
CA GLU C 388 -20.27 1.65 22.35
C GLU C 388 -21.75 1.93 22.48
N TYR C 389 -22.58 1.10 21.84
CA TYR C 389 -24.01 1.34 21.82
C TYR C 389 -24.72 0.01 21.63
N TYR C 390 -25.42 -0.44 22.67
CA TYR C 390 -26.25 -1.65 22.61
C TYR C 390 -27.74 -1.30 22.58
N SER C 391 -28.21 -0.50 23.55
CA SER C 391 -29.59 -0.01 23.59
C SER C 391 -30.59 -1.16 23.58
N LYS C 392 -30.58 -1.93 24.68
CA LYS C 392 -31.53 -3.02 24.88
C LYS C 392 -32.12 -2.86 26.28
N ALA C 393 -33.17 -2.05 26.37
CA ALA C 393 -33.80 -1.77 27.66
C ALA C 393 -35.25 -1.37 27.43
N HIS C 394 -36.05 -1.49 28.48
CA HIS C 394 -37.45 -1.13 28.46
C HIS C 394 -37.70 0.27 29.03
N ASP C 395 -36.65 1.01 29.38
CA ASP C 395 -36.82 2.31 29.99
C ASP C 395 -37.39 3.34 29.04
N SER C 396 -37.40 3.07 27.74
CA SER C 396 -37.92 4.03 26.77
C SER C 396 -39.41 4.27 26.99
N GLU C 397 -40.20 3.20 27.04
CA GLU C 397 -41.64 3.29 27.26
C GLU C 397 -42.15 1.88 27.52
N GLY C 398 -43.46 1.78 27.76
CA GLY C 398 -44.08 0.49 28.00
C GLY C 398 -45.41 0.32 27.28
N SER C 399 -45.54 0.94 26.11
CA SER C 399 -46.79 0.85 25.36
C SER C 399 -47.06 -0.58 24.91
N ASP C 400 -46.08 -1.21 24.25
CA ASP C 400 -46.17 -2.57 23.71
C ASP C 400 -47.55 -2.87 23.13
N LEU C 401 -48.04 -1.93 22.31
CA LEU C 401 -49.37 -2.06 21.74
C LEU C 401 -49.43 -3.20 20.72
N PHE C 402 -50.51 -3.96 20.76
CA PHE C 402 -50.73 -5.00 19.77
C PHE C 402 -50.94 -4.37 18.40
N ILE C 403 -50.27 -4.93 17.38
CA ILE C 403 -50.33 -4.38 16.04
C ILE C 403 -50.73 -5.48 15.07
N PRO C 404 -52.03 -5.73 14.87
CA PRO C 404 -52.45 -6.68 13.86
C PRO C 404 -52.14 -6.18 12.46
N VAL C 405 -51.79 -7.12 11.57
CA VAL C 405 -51.47 -6.81 10.18
C VAL C 405 -52.09 -7.92 9.33
N THR C 406 -53.16 -7.60 8.61
CA THR C 406 -53.78 -8.60 7.76
C THR C 406 -53.44 -8.35 6.30
N PRO C 407 -53.00 -9.36 5.56
CA PRO C 407 -52.73 -9.16 4.13
C PRO C 407 -54.03 -8.95 3.36
N PRO C 408 -53.99 -8.19 2.26
CA PRO C 408 -55.19 -8.02 1.45
C PRO C 408 -55.65 -9.35 0.86
N GLU C 409 -56.96 -9.48 0.70
CA GLU C 409 -57.53 -10.71 0.18
C GLU C 409 -57.15 -10.91 -1.28
N GLY C 410 -56.80 -12.15 -1.62
CA GLY C 410 -56.54 -12.54 -3.00
C GLY C 410 -55.15 -12.25 -3.51
N ILE C 411 -54.26 -11.70 -2.68
CA ILE C 411 -52.91 -11.38 -3.14
C ILE C 411 -52.09 -12.66 -3.24
N GLU C 412 -51.02 -12.58 -4.05
CA GLU C 412 -50.08 -13.67 -4.23
C GLU C 412 -48.72 -13.25 -3.68
N THR C 413 -48.28 -13.93 -2.63
CA THR C 413 -46.98 -13.68 -2.01
C THR C 413 -46.01 -14.79 -2.40
N LYS C 414 -44.85 -14.40 -2.92
CA LYS C 414 -43.85 -15.33 -3.42
C LYS C 414 -42.57 -15.17 -2.61
N GLU C 415 -41.51 -15.86 -3.05
CA GLU C 415 -40.17 -15.58 -2.55
C GLU C 415 -39.19 -15.71 -3.71
N TRP C 416 -38.04 -15.06 -3.57
CA TRP C 416 -37.01 -15.11 -4.58
C TRP C 416 -35.66 -15.30 -3.92
N ILE C 417 -34.86 -16.21 -4.47
CA ILE C 417 -33.50 -16.48 -4.00
C ILE C 417 -32.54 -16.05 -5.10
N ILE C 418 -31.61 -15.16 -4.74
CA ILE C 418 -30.65 -14.60 -5.68
C ILE C 418 -29.27 -15.11 -5.25
N VAL C 419 -28.66 -15.95 -6.08
CA VAL C 419 -27.39 -16.57 -5.74
C VAL C 419 -26.41 -16.38 -6.89
N GLY C 420 -25.14 -16.25 -6.53
CA GLY C 420 -24.11 -16.05 -7.54
C GLY C 420 -22.74 -15.98 -6.90
N ARG C 421 -21.77 -15.58 -7.70
CA ARG C 421 -20.39 -15.45 -7.28
C ARG C 421 -20.04 -13.97 -7.10
N LEU C 422 -19.49 -13.62 -5.94
CA LEU C 422 -19.13 -12.24 -5.64
C LEU C 422 -17.62 -12.07 -5.85
N LYS C 423 -17.25 -11.83 -7.11
CA LYS C 423 -15.86 -11.62 -7.46
C LYS C 423 -15.39 -10.25 -6.93
N ALA C 424 -14.07 -10.11 -6.78
CA ALA C 424 -13.46 -8.87 -6.30
C ALA C 424 -12.42 -8.43 -7.32
N ALA C 425 -12.80 -7.46 -8.16
CA ALA C 425 -11.87 -6.93 -9.17
C ALA C 425 -10.71 -6.16 -8.56
N THR C 426 -10.78 -5.83 -7.28
CA THR C 426 -9.72 -5.14 -6.55
C THR C 426 -9.46 -5.88 -5.25
N PRO C 427 -8.26 -5.75 -4.69
CA PRO C 427 -7.97 -6.38 -3.40
C PRO C 427 -8.91 -5.86 -2.31
N PHE C 428 -9.25 -6.74 -1.38
CA PHE C 428 -10.24 -6.45 -0.36
C PHE C 428 -9.63 -6.57 1.03
N TYR C 429 -10.03 -5.66 1.92
CA TYR C 429 -9.58 -5.66 3.31
C TYR C 429 -10.79 -5.62 4.22
N PHE C 430 -10.82 -6.50 5.23
CA PHE C 430 -11.90 -6.56 6.20
C PHE C 430 -11.31 -6.37 7.59
N GLY C 431 -11.90 -5.47 8.36
CA GLY C 431 -11.35 -5.11 9.65
C GLY C 431 -11.64 -6.13 10.73
N VAL C 432 -10.99 -5.91 11.88
CA VAL C 432 -11.15 -6.77 13.04
C VAL C 432 -10.71 -5.97 14.25
N GLN C 433 -11.06 -6.45 15.45
CA GLN C 433 -10.61 -5.81 16.68
C GLN C 433 -9.08 -5.77 16.75
N GLN C 434 -8.57 -5.08 17.76
CA GLN C 434 -7.14 -4.88 17.89
C GLN C 434 -6.44 -6.24 17.90
N PRO C 435 -5.28 -6.35 17.25
CA PRO C 435 -4.63 -7.67 17.09
C PRO C 435 -4.37 -8.34 18.43
N SER C 436 -4.67 -9.62 18.49
CA SER C 436 -4.51 -10.47 19.67
C SER C 436 -5.30 -9.98 20.87
N ASP C 437 -6.20 -9.02 20.67
CA ASP C 437 -7.06 -8.52 21.74
C ASP C 437 -8.46 -9.13 21.70
N SER C 438 -8.66 -10.16 20.89
CA SER C 438 -9.97 -10.81 20.83
C SER C 438 -10.34 -11.41 22.17
N ILE C 439 -9.45 -12.22 22.74
CA ILE C 439 -9.57 -12.89 24.04
C ILE C 439 -11.01 -13.27 24.35
N PRO C 440 -11.61 -14.18 23.61
CA PRO C 440 -13.02 -14.55 23.87
C PRO C 440 -13.17 -15.12 25.27
N GLY C 441 -14.28 -14.77 25.92
CA GLY C 441 -14.55 -15.20 27.27
C GLY C 441 -13.90 -14.38 28.36
N LYS C 442 -13.13 -13.35 28.00
CA LYS C 442 -12.47 -12.51 28.98
C LYS C 442 -12.42 -11.08 28.46
N GLU C 443 -12.32 -10.13 29.39
CA GLU C 443 -12.24 -8.72 29.05
C GLU C 443 -11.36 -8.02 30.08
N LYS C 444 -11.20 -6.71 29.90
CA LYS C 444 -10.39 -5.91 30.81
C LYS C 444 -11.13 -5.65 32.12
N GLU C 454 -0.40 -12.15 17.55
CA GLU C 454 0.29 -11.08 16.83
C GLU C 454 -0.26 -9.72 17.24
N HIS C 455 0.65 -8.75 17.38
CA HIS C 455 0.30 -7.36 17.69
C HIS C 455 0.88 -6.49 16.58
N ALA C 456 0.13 -6.34 15.48
CA ALA C 456 0.63 -5.57 14.35
C ALA C 456 -0.48 -5.31 13.36
N SER C 457 -0.30 -4.25 12.56
CA SER C 457 -1.09 -4.00 11.36
C SER C 457 -2.58 -3.78 11.66
N PHE C 458 -3.38 -3.79 10.59
CA PHE C 458 -4.83 -3.84 10.68
C PHE C 458 -5.21 -5.21 10.10
N ASN C 459 -5.31 -6.20 10.98
CA ASN C 459 -5.45 -7.58 10.54
C ASN C 459 -6.73 -7.78 9.74
N ILE C 460 -6.65 -8.63 8.73
CA ILE C 460 -7.82 -9.00 7.94
C ILE C 460 -8.58 -10.08 8.69
N LEU C 461 -9.89 -10.13 8.46
CA LEU C 461 -10.75 -11.10 9.15
C LEU C 461 -10.56 -12.49 8.56
N LEU C 462 -10.14 -13.43 9.40
CA LEU C 462 -10.05 -14.84 9.04
C LEU C 462 -10.80 -15.68 10.06
N ASP C 463 -11.33 -16.81 9.59
CA ASP C 463 -11.99 -17.76 10.48
C ASP C 463 -10.97 -18.71 11.09
N LYS C 464 -11.46 -19.72 11.80
CA LYS C 464 -10.57 -20.73 12.36
C LYS C 464 -9.89 -21.56 11.27
N GLU C 465 -10.46 -21.61 10.07
CA GLU C 465 -9.81 -22.26 8.94
C GLU C 465 -8.62 -21.46 8.44
N ASN C 466 -8.45 -20.23 8.92
CA ASN C 466 -7.35 -19.35 8.54
C ASN C 466 -7.42 -19.01 7.05
N ARG C 467 -8.54 -18.42 6.66
CA ARG C 467 -8.75 -17.98 5.29
C ARG C 467 -9.70 -16.79 5.29
N TYR C 468 -9.68 -16.03 4.20
CA TYR C 468 -10.48 -14.82 4.12
C TYR C 468 -11.97 -15.15 4.12
N ARG C 469 -12.77 -14.24 4.69
CA ARG C 469 -14.20 -14.44 4.81
C ARG C 469 -14.90 -13.08 4.85
N ILE C 470 -16.01 -12.98 4.15
CA ILE C 470 -16.86 -11.79 4.18
C ILE C 470 -17.93 -12.02 5.25
N PRO C 471 -17.95 -11.23 6.33
CA PRO C 471 -19.01 -11.38 7.32
C PRO C 471 -20.37 -11.07 6.72
N ARG C 472 -21.39 -11.80 7.21
CA ARG C 472 -22.76 -11.57 6.76
C ARG C 472 -23.19 -10.12 6.99
N SER C 473 -22.77 -9.55 8.12
CA SER C 473 -23.19 -8.20 8.47
C SER C 473 -22.64 -7.17 7.48
N ALA C 474 -21.40 -7.35 7.03
CA ALA C 474 -20.83 -6.39 6.08
C ALA C 474 -21.60 -6.39 4.76
N LEU C 475 -21.90 -7.58 4.24
CA LEU C 475 -22.68 -7.66 3.01
C LEU C 475 -24.07 -7.09 3.20
N ARG C 476 -24.70 -7.37 4.35
CA ARG C 476 -26.02 -6.81 4.62
C ARG C 476 -25.98 -5.29 4.69
N GLY C 477 -24.93 -4.73 5.31
CA GLY C 477 -24.81 -3.28 5.38
C GLY C 477 -24.57 -2.65 4.01
N ALA C 478 -23.75 -3.30 3.19
CA ALA C 478 -23.56 -2.80 1.82
C ALA C 478 -24.86 -2.82 1.04
N LEU C 479 -25.64 -3.91 1.17
CA LEU C 479 -26.94 -3.96 0.52
C LEU C 479 -27.87 -2.89 1.05
N ARG C 480 -27.83 -2.64 2.36
CA ARG C 480 -28.67 -1.60 2.96
C ARG C 480 -28.32 -0.24 2.37
N ARG C 481 -27.02 0.07 2.29
CA ARG C 481 -26.59 1.34 1.73
C ARG C 481 -27.01 1.48 0.28
N ASP C 482 -26.84 0.41 -0.51
CA ASP C 482 -27.17 0.48 -1.93
C ASP C 482 -28.68 0.63 -2.15
N LEU C 483 -29.49 -0.08 -1.36
CA LEU C 483 -30.94 0.08 -1.47
C LEU C 483 -31.38 1.45 -1.02
N ARG C 484 -30.71 2.02 0.00
CA ARG C 484 -31.00 3.37 0.42
C ARG C 484 -30.70 4.37 -0.68
N THR C 485 -29.58 4.18 -1.39
CA THR C 485 -29.27 5.03 -2.53
C THR C 485 -30.31 4.87 -3.63
N ALA C 486 -30.74 3.64 -3.90
CA ALA C 486 -31.73 3.40 -4.95
C ALA C 486 -33.05 4.07 -4.61
N PHE C 487 -33.50 3.96 -3.35
CA PHE C 487 -34.73 4.62 -2.94
C PHE C 487 -34.60 6.14 -3.02
N GLY C 488 -33.46 6.68 -2.61
CA GLY C 488 -33.23 8.10 -2.59
C GLY C 488 -33.42 8.74 -1.24
N SER C 489 -34.12 8.06 -0.32
CA SER C 489 -34.35 8.59 1.01
C SER C 489 -34.55 7.43 1.98
N GLY C 490 -34.34 7.72 3.26
CA GLY C 490 -34.49 6.69 4.27
C GLY C 490 -34.20 7.26 5.65
N CYS C 491 -34.14 6.36 6.62
CA CYS C 491 -33.84 6.72 8.01
C CYS C 491 -32.56 6.04 8.44
N ASN C 492 -31.70 6.79 9.13
CA ASN C 492 -30.49 6.21 9.69
C ASN C 492 -30.83 5.22 10.78
N VAL C 493 -30.04 4.14 10.87
CA VAL C 493 -30.32 3.06 11.81
C VAL C 493 -30.07 3.56 13.23
N SER C 494 -31.12 3.64 14.03
CA SER C 494 -31.04 4.05 15.43
C SER C 494 -31.53 2.90 16.29
N LEU C 495 -30.61 2.26 17.01
CA LEU C 495 -30.97 1.11 17.82
C LEU C 495 -31.73 1.55 19.08
N GLY C 496 -32.39 0.58 19.71
CA GLY C 496 -33.12 0.81 20.93
C GLY C 496 -34.56 1.24 20.76
N GLY C 497 -35.01 1.47 19.52
CA GLY C 497 -36.38 1.86 19.28
C GLY C 497 -37.38 0.79 19.67
N GLN C 498 -38.33 1.13 20.54
CA GLN C 498 -39.34 0.16 20.96
C GLN C 498 -40.29 -0.19 19.82
N ILE C 499 -40.66 0.81 19.01
CA ILE C 499 -41.57 0.60 17.89
C ILE C 499 -40.74 0.36 16.63
N LEU C 500 -41.30 -0.41 15.71
CA LEU C 500 -40.61 -0.72 14.47
C LEU C 500 -40.43 0.54 13.63
N CYS C 501 -39.26 0.66 13.01
CA CYS C 501 -38.96 1.80 12.16
C CYS C 501 -39.59 1.59 10.80
N ASN C 502 -40.55 2.44 10.44
CA ASN C 502 -41.26 2.34 9.17
C ASN C 502 -40.58 3.18 8.08
N CYS C 503 -39.28 2.95 7.90
CA CYS C 503 -38.53 3.68 6.88
C CYS C 503 -38.84 3.14 5.50
N LYS C 504 -38.34 3.85 4.48
CA LYS C 504 -38.55 3.43 3.10
C LYS C 504 -37.81 2.13 2.80
N VAL C 505 -36.62 1.96 3.36
CA VAL C 505 -35.79 0.79 3.06
C VAL C 505 -35.94 -0.25 4.17
N CYS C 506 -36.32 0.20 5.37
CA CYS C 506 -36.44 -0.73 6.49
C CYS C 506 -37.58 -1.72 6.28
N ILE C 507 -38.57 -1.37 5.46
CA ILE C 507 -39.68 -2.27 5.20
C ILE C 507 -39.20 -3.53 4.49
N GLU C 508 -38.34 -3.37 3.49
CA GLU C 508 -37.85 -4.51 2.72
C GLU C 508 -36.78 -5.31 3.46
N MET C 509 -36.19 -4.76 4.53
CA MET C 509 -35.19 -5.49 5.28
C MET C 509 -35.79 -6.66 6.04
N ARG C 510 -37.02 -6.52 6.53
CA ARG C 510 -37.67 -7.61 7.23
C ARG C 510 -37.92 -8.80 6.32
N ARG C 511 -38.03 -8.57 5.02
CA ARG C 511 -38.40 -9.60 4.06
C ARG C 511 -37.22 -10.12 3.25
N ILE C 512 -35.99 -9.74 3.59
CA ILE C 512 -34.81 -10.14 2.84
C ILE C 512 -33.79 -10.75 3.80
N THR C 513 -33.11 -11.80 3.34
CA THR C 513 -32.10 -12.46 4.14
C THR C 513 -30.93 -12.89 3.25
N LEU C 514 -29.74 -12.97 3.86
CA LEU C 514 -28.54 -13.39 3.17
C LEU C 514 -27.60 -14.05 4.17
N LYS C 515 -26.71 -14.88 3.68
CA LYS C 515 -25.88 -15.72 4.54
C LYS C 515 -24.41 -15.32 4.45
N ASP C 516 -23.63 -15.85 5.39
CA ASP C 516 -22.20 -15.59 5.45
C ASP C 516 -21.49 -16.20 4.25
N SER C 517 -20.36 -15.59 3.88
CA SER C 517 -19.57 -16.03 2.73
C SER C 517 -18.14 -16.30 3.18
N VAL C 518 -17.58 -17.41 2.69
CA VAL C 518 -16.22 -17.82 3.00
C VAL C 518 -15.47 -18.10 1.71
N SER C 519 -14.17 -17.83 1.72
CA SER C 519 -13.35 -18.03 0.53
C SER C 519 -13.18 -19.51 0.21
N ASP C 520 -13.07 -19.80 -1.07
CA ASP C 520 -12.54 -21.09 -1.52
C ASP C 520 -11.04 -20.98 -1.78
N PHE C 521 -10.32 -20.45 -0.79
CA PHE C 521 -8.93 -20.05 -0.95
C PHE C 521 -8.30 -19.80 0.41
N SER C 522 -7.18 -20.45 0.71
CA SER C 522 -6.52 -20.35 2.01
C SER C 522 -5.03 -20.15 1.81
N GLU C 523 -4.61 -18.89 1.68
CA GLU C 523 -3.20 -18.52 1.61
C GLU C 523 -2.99 -17.26 2.44
N PRO C 524 -1.78 -17.06 2.97
CA PRO C 524 -1.50 -15.85 3.74
C PRO C 524 -1.66 -14.60 2.89
N PRO C 525 -2.18 -13.51 3.45
CA PRO C 525 -2.34 -12.28 2.69
C PRO C 525 -1.09 -11.41 2.71
N GLU C 526 -0.90 -10.69 1.62
CA GLU C 526 0.21 -9.76 1.53
C GLU C 526 -0.03 -8.55 2.43
N ILE C 527 1.05 -7.89 2.81
CA ILE C 527 1.01 -6.80 3.78
C ILE C 527 1.40 -5.53 3.03
N ARG C 528 0.40 -4.76 2.60
CA ARG C 528 0.66 -3.49 1.94
C ARG C 528 1.17 -2.46 2.94
N TYR C 529 2.09 -1.62 2.49
CA TYR C 529 2.72 -0.63 3.35
C TYR C 529 2.21 0.77 3.02
N ARG C 530 1.93 1.54 4.06
CA ARG C 530 1.48 2.91 3.92
C ARG C 530 2.28 3.81 4.85
N ILE C 531 2.57 5.03 4.37
CA ILE C 531 3.33 6.00 5.12
C ILE C 531 2.51 7.29 5.14
N ALA C 532 2.82 8.16 6.11
CA ALA C 532 2.17 9.46 6.22
C ALA C 532 3.23 10.53 5.96
N LYS C 533 3.42 10.87 4.69
CA LYS C 533 4.42 11.84 4.29
C LYS C 533 3.96 13.25 4.62
N ASN C 534 4.81 14.00 5.31
CA ASN C 534 4.48 15.37 5.70
C ASN C 534 4.53 16.29 4.49
N PRO C 535 3.46 17.01 4.17
CA PRO C 535 3.54 17.98 3.06
C PRO C 535 4.50 19.12 3.34
N GLY C 536 4.86 19.35 4.60
CA GLY C 536 5.79 20.43 4.91
C GLY C 536 7.19 20.19 4.36
N THR C 537 7.69 18.95 4.47
CA THR C 537 9.03 18.62 4.02
C THR C 537 9.07 17.48 3.03
N ALA C 538 7.91 16.93 2.65
CA ALA C 538 7.82 15.86 1.64
C ALA C 538 8.71 14.67 1.99
N THR C 539 8.70 14.27 3.25
CA THR C 539 9.49 13.14 3.71
C THR C 539 8.72 12.44 4.83
N VAL C 540 9.40 11.54 5.53
CA VAL C 540 8.79 10.70 6.55
C VAL C 540 9.10 11.27 7.93
N GLU C 541 8.08 11.36 8.77
CA GLU C 541 8.22 11.80 10.15
C GLU C 541 7.91 10.65 11.10
N ASP C 542 8.05 10.91 12.40
CA ASP C 542 7.87 9.89 13.41
C ASP C 542 6.40 9.45 13.48
N GLY C 543 6.19 8.16 13.70
CA GLY C 543 4.86 7.61 13.87
C GLY C 543 3.98 7.76 12.64
N SER C 544 4.52 7.40 11.47
CA SER C 544 3.81 7.60 10.22
C SER C 544 3.69 6.35 9.37
N LEU C 545 4.22 5.22 9.80
CA LEU C 545 4.16 3.98 9.03
C LEU C 545 3.21 2.99 9.68
N PHE C 546 2.45 2.27 8.86
CA PHE C 546 1.55 1.25 9.35
C PHE C 546 1.34 0.22 8.24
N ASP C 547 0.64 -0.87 8.57
CA ASP C 547 0.58 -2.03 7.71
C ASP C 547 -0.88 -2.43 7.49
N ILE C 548 -1.19 -2.87 6.26
CA ILE C 548 -2.52 -3.35 5.92
C ILE C 548 -2.37 -4.74 5.31
N GLU C 549 -3.14 -5.70 5.82
CA GLU C 549 -3.11 -7.07 5.33
C GLU C 549 -4.28 -7.27 4.37
N VAL C 550 -4.12 -6.76 3.14
CA VAL C 550 -5.14 -6.93 2.12
C VAL C 550 -5.03 -8.32 1.52
N GLY C 551 -6.10 -8.74 0.84
CA GLY C 551 -6.14 -10.02 0.16
C GLY C 551 -5.79 -9.88 -1.30
N PRO C 552 -5.88 -10.99 -2.04
CA PRO C 552 -5.60 -10.95 -3.48
C PRO C 552 -6.85 -10.67 -4.31
N GLU C 553 -6.63 -9.92 -5.39
CA GLU C 553 -7.72 -9.58 -6.29
C GLU C 553 -8.14 -10.78 -7.12
N GLY C 554 -9.40 -10.79 -7.52
CA GLY C 554 -9.95 -11.85 -8.34
C GLY C 554 -10.55 -13.02 -7.59
N LEU C 555 -10.47 -13.03 -6.26
CA LEU C 555 -11.04 -14.13 -5.48
C LEU C 555 -12.56 -14.11 -5.58
N THR C 556 -13.14 -15.30 -5.70
CA THR C 556 -14.59 -15.45 -5.82
C THR C 556 -15.18 -15.93 -4.50
N PHE C 557 -16.40 -15.48 -4.22
CA PHE C 557 -17.10 -15.82 -2.99
C PHE C 557 -18.51 -16.26 -3.32
N PRO C 558 -19.08 -17.18 -2.54
CA PRO C 558 -20.51 -17.44 -2.63
C PRO C 558 -21.30 -16.25 -2.09
N PHE C 559 -22.51 -16.08 -2.64
CA PHE C 559 -23.35 -14.96 -2.25
C PHE C 559 -24.79 -15.33 -2.50
N VAL C 560 -25.64 -15.21 -1.48
CA VAL C 560 -27.05 -15.52 -1.60
C VAL C 560 -27.86 -14.29 -1.24
N LEU C 561 -29.07 -14.20 -1.79
CA LEU C 561 -29.99 -13.12 -1.47
C LEU C 561 -31.41 -13.67 -1.59
N ARG C 562 -31.96 -14.09 -0.46
CA ARG C 562 -33.30 -14.65 -0.40
C ARG C 562 -34.27 -13.57 0.05
N TYR C 563 -35.26 -13.27 -0.78
CA TYR C 563 -36.27 -12.26 -0.50
C TYR C 563 -37.62 -12.95 -0.35
N ARG C 564 -38.34 -12.63 0.71
CA ARG C 564 -39.63 -13.24 1.03
C ARG C 564 -40.66 -12.12 1.10
N GLY C 565 -41.21 -11.73 -0.05
CA GLY C 565 -42.10 -10.59 -0.10
C GLY C 565 -43.24 -10.81 -1.08
N HIS C 566 -44.15 -9.83 -1.10
CA HIS C 566 -45.34 -9.95 -1.93
C HIS C 566 -44.99 -9.92 -3.42
N LYS C 567 -44.18 -8.95 -3.83
CA LYS C 567 -43.67 -8.87 -5.19
C LYS C 567 -42.21 -8.47 -5.13
N PHE C 568 -41.46 -8.83 -6.15
CA PHE C 568 -40.06 -8.44 -6.21
C PHE C 568 -39.97 -6.94 -6.47
N PRO C 569 -39.38 -6.17 -5.56
CA PRO C 569 -39.30 -4.72 -5.78
C PRO C 569 -38.39 -4.38 -6.94
N GLU C 570 -38.70 -3.26 -7.61
CA GLU C 570 -37.86 -2.77 -8.69
C GLU C 570 -36.51 -2.28 -8.18
N GLN C 571 -36.43 -1.86 -6.91
CA GLN C 571 -35.17 -1.38 -6.37
C GLN C 571 -34.18 -2.52 -6.20
N LEU C 572 -34.64 -3.69 -5.74
CA LEU C 572 -33.75 -4.84 -5.69
C LEU C 572 -33.33 -5.29 -7.09
N SER C 573 -34.27 -5.31 -8.03
CA SER C 573 -33.94 -5.69 -9.40
C SER C 573 -33.00 -4.68 -10.06
N SER C 574 -32.97 -3.44 -9.59
CA SER C 574 -32.04 -2.45 -10.10
C SER C 574 -30.67 -2.56 -9.44
N VAL C 575 -30.63 -2.76 -8.11
CA VAL C 575 -29.35 -2.87 -7.42
C VAL C 575 -28.64 -4.16 -7.81
N ILE C 576 -29.39 -5.22 -8.13
CA ILE C 576 -28.75 -6.48 -8.51
C ILE C 576 -28.06 -6.35 -9.87
N ARG C 577 -28.55 -5.46 -10.74
CA ARG C 577 -27.84 -5.14 -11.97
C ARG C 577 -26.75 -4.09 -11.77
N TYR C 578 -26.94 -3.21 -10.78
CA TYR C 578 -25.88 -2.28 -10.42
C TYR C 578 -24.63 -3.02 -9.93
N TRP C 579 -24.83 -4.08 -9.14
CA TRP C 579 -23.72 -4.92 -8.72
C TRP C 579 -23.23 -5.83 -9.84
N GLU C 580 -24.10 -6.15 -10.80
CA GLU C 580 -23.75 -7.07 -11.86
C GLU C 580 -22.63 -6.50 -12.73
N GLU C 581 -21.74 -7.38 -13.19
CA GLU C 581 -20.62 -6.99 -14.04
C GLU C 581 -21.06 -7.11 -15.49
N ASN C 582 -21.69 -6.05 -15.99
CA ASN C 582 -22.17 -6.02 -17.36
C ASN C 582 -21.02 -5.67 -18.30
N ASP C 583 -21.34 -5.40 -19.57
CA ASP C 583 -20.30 -5.05 -20.53
C ASP C 583 -19.62 -3.73 -20.17
N GLY C 584 -20.39 -2.74 -19.71
CA GLY C 584 -19.84 -1.45 -19.37
C GLY C 584 -19.81 -1.17 -17.88
N LYS C 585 -20.83 -1.65 -17.16
CA LYS C 585 -20.90 -1.39 -15.72
C LYS C 585 -19.74 -2.05 -14.99
N ASN C 586 -19.42 -3.30 -15.33
CA ASN C 586 -18.33 -4.08 -14.74
C ASN C 586 -18.49 -4.28 -13.24
N GLY C 587 -19.67 -4.01 -12.69
CA GLY C 587 -19.88 -4.17 -11.26
C GLY C 587 -19.35 -3.00 -10.45
N MET C 588 -20.11 -2.56 -9.45
CA MET C 588 -19.68 -1.43 -8.61
C MET C 588 -20.02 -1.68 -7.14
N ALA C 589 -20.05 -2.95 -6.72
CA ALA C 589 -20.37 -3.27 -5.33
C ALA C 589 -19.19 -2.93 -4.42
N TRP C 590 -19.22 -1.74 -3.83
CA TRP C 590 -18.15 -1.29 -2.93
C TRP C 590 -18.37 -1.87 -1.53
N LEU C 591 -18.15 -3.18 -1.44
CA LEU C 591 -18.34 -3.93 -0.20
C LEU C 591 -17.00 -4.17 0.47
N GLY C 592 -16.91 -3.82 1.74
CA GLY C 592 -15.69 -4.05 2.50
C GLY C 592 -15.15 -2.80 3.17
N GLY C 593 -13.86 -2.81 3.48
CA GLY C 593 -13.21 -1.68 4.12
C GLY C 593 -12.22 -1.00 3.19
N LEU C 594 -11.78 0.19 3.62
CA LEU C 594 -10.87 1.02 2.84
C LEU C 594 -11.40 1.27 1.43
N ASP C 595 -12.70 1.49 1.32
CA ASP C 595 -13.31 1.73 0.02
C ASP C 595 -12.79 3.00 -0.63
N SER C 596 -12.49 4.03 0.17
CA SER C 596 -11.95 5.26 -0.38
C SER C 596 -10.57 5.04 -0.98
N THR C 597 -9.74 4.23 -0.31
CA THR C 597 -8.39 3.98 -0.83
C THR C 597 -8.43 3.26 -2.17
N GLY C 598 -9.35 2.31 -2.32
CA GLY C 598 -9.47 1.55 -3.56
C GLY C 598 -9.67 0.08 -3.32
N LYS C 599 -9.80 -0.31 -2.06
CA LYS C 599 -9.98 -1.71 -1.68
C LYS C 599 -11.44 -2.00 -1.38
N GLY C 600 -11.92 -3.12 -1.89
CA GLY C 600 -13.28 -3.56 -1.63
C GLY C 600 -14.29 -3.26 -2.71
N ARG C 601 -13.87 -3.18 -3.98
CA ARG C 601 -14.79 -2.95 -5.08
C ARG C 601 -15.14 -4.29 -5.71
N PHE C 602 -16.03 -5.02 -5.04
CA PHE C 602 -16.48 -6.30 -5.54
C PHE C 602 -17.39 -6.14 -6.76
N ALA C 603 -17.39 -7.15 -7.62
CA ALA C 603 -18.24 -7.17 -8.82
C ALA C 603 -18.94 -8.52 -8.86
N LEU C 604 -20.20 -8.54 -8.44
CA LEU C 604 -20.99 -9.76 -8.44
C LEU C 604 -21.16 -10.28 -9.87
N LYS C 605 -20.92 -11.57 -10.06
CA LYS C 605 -20.94 -12.18 -11.38
C LYS C 605 -21.72 -13.49 -11.34
N ASP C 606 -22.18 -13.92 -12.52
CA ASP C 606 -22.91 -15.17 -12.70
C ASP C 606 -24.16 -15.22 -11.83
N ILE C 607 -25.09 -14.32 -12.12
CA ILE C 607 -26.32 -14.19 -11.36
C ILE C 607 -27.38 -15.12 -11.96
N LYS C 608 -27.95 -15.97 -11.11
CA LYS C 608 -29.03 -16.87 -11.50
C LYS C 608 -30.21 -16.65 -10.58
N ILE C 609 -31.42 -16.71 -11.15
CA ILE C 609 -32.65 -16.31 -10.46
C ILE C 609 -33.53 -17.53 -10.28
N PHE C 610 -34.04 -17.72 -9.07
CA PHE C 610 -35.00 -18.77 -8.77
C PHE C 610 -36.07 -18.23 -7.81
N GLU C 611 -37.26 -18.83 -7.88
CA GLU C 611 -38.39 -18.38 -7.07
C GLU C 611 -39.24 -19.57 -6.66
N TRP C 612 -39.74 -19.54 -5.42
CA TRP C 612 -40.60 -20.58 -4.87
C TRP C 612 -42.03 -20.07 -4.70
N ASP C 613 -42.93 -21.00 -4.40
CA ASP C 613 -44.34 -20.69 -4.20
C ASP C 613 -44.72 -20.93 -2.74
N LEU C 614 -45.30 -19.90 -2.11
CA LEU C 614 -45.78 -20.00 -0.74
C LEU C 614 -47.30 -20.02 -0.65
N ASN C 615 -48.00 -20.05 -1.77
CA ASN C 615 -49.46 -20.07 -1.79
C ASN C 615 -50.04 -21.42 -2.18
N GLN C 616 -49.38 -22.16 -3.06
CA GLN C 616 -49.81 -23.49 -3.45
C GLN C 616 -48.75 -24.56 -3.29
N LYS C 617 -47.47 -24.22 -3.35
CA LYS C 617 -46.37 -25.17 -3.24
C LYS C 617 -45.59 -24.99 -1.94
N ILE C 618 -46.30 -24.73 -0.84
CA ILE C 618 -45.63 -24.49 0.43
C ILE C 618 -44.98 -25.77 0.95
N ASN C 619 -45.64 -26.92 0.76
CA ASN C 619 -45.15 -28.16 1.36
C ASN C 619 -43.86 -28.63 0.70
N GLU C 620 -43.67 -28.34 -0.59
CA GLU C 620 -42.37 -28.62 -1.20
C GLU C 620 -41.27 -27.79 -0.55
N TYR C 621 -41.55 -26.53 -0.24
CA TYR C 621 -40.59 -25.71 0.49
C TYR C 621 -40.33 -26.29 1.87
N ILE C 622 -41.38 -26.79 2.54
CA ILE C 622 -41.20 -27.39 3.86
C ILE C 622 -40.29 -28.61 3.78
N LYS C 623 -40.48 -29.44 2.76
CA LYS C 623 -39.65 -30.63 2.59
C LYS C 623 -38.20 -30.26 2.31
N GLU C 624 -37.97 -29.27 1.46
CA GLU C 624 -36.61 -28.93 1.03
C GLU C 624 -35.97 -27.81 1.85
N ARG C 625 -36.77 -27.03 2.59
CA ARG C 625 -36.26 -25.97 3.45
C ARG C 625 -35.48 -24.91 2.65
N GLY C 626 -35.82 -24.75 1.37
CA GLY C 626 -35.22 -23.69 0.58
C GLY C 626 -33.74 -23.86 0.29
N MET C 627 -33.21 -25.07 0.44
CA MET C 627 -31.79 -25.34 0.22
C MET C 627 -30.90 -24.44 1.06
N ARG C 628 -31.31 -24.22 2.32
CA ARG C 628 -30.49 -23.48 3.26
C ARG C 628 -29.24 -24.30 3.58
N GLY C 629 -28.08 -23.79 3.19
CA GLY C 629 -26.84 -24.52 3.30
C GLY C 629 -26.47 -25.32 2.08
N LYS C 630 -27.37 -25.43 1.10
CA LYS C 630 -27.11 -26.16 -0.13
C LYS C 630 -26.89 -25.23 -1.32
N GLU C 631 -26.59 -23.95 -1.07
CA GLU C 631 -26.39 -23.00 -2.15
C GLU C 631 -25.12 -23.31 -2.95
N LYS C 632 -24.16 -24.00 -2.33
CA LYS C 632 -22.95 -24.37 -3.05
C LYS C 632 -23.26 -25.28 -4.22
N GLU C 633 -24.14 -26.27 -4.01
CA GLU C 633 -24.61 -27.08 -5.11
C GLU C 633 -25.52 -26.29 -6.05
N LEU C 634 -26.28 -25.34 -5.50
CA LEU C 634 -27.15 -24.51 -6.33
C LEU C 634 -26.35 -23.67 -7.32
N LEU C 635 -25.09 -23.36 -7.00
CA LEU C 635 -24.25 -22.58 -7.91
C LEU C 635 -24.03 -23.32 -9.23
N GLU C 636 -23.75 -24.62 -9.16
CA GLU C 636 -23.46 -25.42 -10.34
C GLU C 636 -24.62 -26.31 -10.76
N MET C 637 -25.78 -26.18 -10.12
CA MET C 637 -26.93 -27.03 -10.43
C MET C 637 -27.57 -26.51 -11.73
N GLY C 638 -27.57 -27.35 -12.77
CA GLY C 638 -27.97 -26.92 -14.09
C GLY C 638 -29.48 -26.78 -14.26
N GLU C 639 -29.87 -26.22 -15.41
CA GLU C 639 -31.27 -25.96 -15.66
C GLU C 639 -32.08 -27.24 -15.79
N SER C 640 -31.45 -28.33 -16.24
CA SER C 640 -32.14 -29.59 -16.42
C SER C 640 -32.31 -30.38 -15.12
N SER C 641 -31.69 -29.94 -14.03
CA SER C 641 -31.74 -30.66 -12.76
C SER C 641 -32.55 -29.91 -11.71
N LEU C 642 -33.44 -29.02 -12.12
CA LEU C 642 -34.27 -28.31 -11.17
C LEU C 642 -35.25 -29.28 -10.48
N PRO C 643 -35.53 -29.06 -9.20
CA PRO C 643 -36.52 -29.92 -8.52
C PRO C 643 -37.94 -29.59 -8.93
N ASP C 644 -38.91 -30.23 -8.28
CA ASP C 644 -40.32 -29.94 -8.59
C ASP C 644 -40.61 -28.48 -8.30
N GLY C 645 -41.26 -27.81 -9.26
CA GLY C 645 -41.46 -26.39 -9.13
C GLY C 645 -40.15 -25.63 -9.24
N LEU C 646 -40.10 -24.48 -8.57
CA LEU C 646 -38.91 -23.61 -8.55
C LEU C 646 -38.47 -23.25 -9.98
N ILE C 647 -39.40 -22.70 -10.74
CA ILE C 647 -39.09 -22.20 -12.08
C ILE C 647 -38.27 -20.91 -11.94
N PRO C 648 -37.23 -20.71 -12.75
CA PRO C 648 -36.51 -19.43 -12.69
C PRO C 648 -37.42 -18.25 -12.99
N TYR C 649 -37.17 -17.15 -12.28
CA TYR C 649 -37.98 -15.94 -12.45
C TYR C 649 -37.70 -15.35 -13.82
N LYS C 650 -38.66 -15.53 -14.74
CA LYS C 650 -38.50 -15.15 -16.14
C LYS C 650 -38.93 -13.71 -16.41
N PHE C 651 -39.39 -12.98 -15.41
CA PHE C 651 -39.77 -11.59 -15.57
C PHE C 651 -38.61 -10.63 -15.39
N PHE C 652 -37.40 -11.16 -15.19
CA PHE C 652 -36.22 -10.32 -15.04
C PHE C 652 -35.95 -9.55 -16.34
N GLU C 653 -35.62 -8.28 -16.19
CA GLU C 653 -35.39 -7.41 -17.34
C GLU C 653 -33.89 -7.19 -17.55
N GLU C 654 -33.57 -6.43 -18.59
CA GLU C 654 -32.18 -6.13 -18.90
C GLU C 654 -31.68 -4.97 -18.04
N ARG C 655 -30.39 -4.66 -18.19
CA ARG C 655 -29.80 -3.57 -17.41
C ARG C 655 -30.42 -2.23 -17.77
N GLU C 656 -30.61 -1.96 -19.06
CA GLU C 656 -31.17 -0.69 -19.51
C GLU C 656 -32.68 -0.76 -19.65
N CYS C 657 -33.36 -1.18 -18.59
CA CYS C 657 -34.81 -1.30 -18.60
C CYS C 657 -35.51 -0.74 -17.38
N LEU C 658 -34.84 -0.53 -16.26
CA LEU C 658 -35.48 -0.12 -15.02
C LEU C 658 -35.23 1.37 -14.77
N PHE C 659 -36.30 2.09 -14.46
CA PHE C 659 -36.18 3.53 -14.20
C PHE C 659 -35.31 3.86 -12.99
N PRO C 660 -35.48 3.24 -11.82
CA PRO C 660 -34.67 3.66 -10.67
C PRO C 660 -33.18 3.45 -10.85
N TYR C 661 -32.76 2.53 -11.73
CA TYR C 661 -31.34 2.31 -11.96
C TYR C 661 -30.71 3.56 -12.59
N LYS C 662 -31.38 4.15 -13.58
CA LYS C 662 -30.84 5.32 -14.28
C LYS C 662 -31.05 6.61 -13.52
N GLU C 663 -31.82 6.60 -12.42
CA GLU C 663 -32.12 7.82 -11.69
C GLU C 663 -31.11 8.11 -10.58
N ASN C 664 -30.88 7.13 -9.70
CA ASN C 664 -30.00 7.36 -8.56
C ASN C 664 -29.05 6.20 -8.27
N LEU C 665 -28.97 5.19 -9.15
CA LEU C 665 -28.08 4.06 -8.92
C LEU C 665 -26.73 4.26 -9.61
N LYS C 666 -26.74 4.36 -10.94
CA LYS C 666 -25.51 4.56 -11.70
C LYS C 666 -24.96 5.98 -11.64
N PRO C 667 -25.77 7.05 -11.55
CA PRO C 667 -25.19 8.40 -11.52
C PRO C 667 -24.30 8.65 -10.30
N GLN C 668 -24.42 7.84 -9.24
CA GLN C 668 -23.64 8.07 -8.03
C GLN C 668 -22.14 7.94 -8.27
N TRP C 669 -21.72 7.21 -9.31
CA TRP C 669 -20.31 7.05 -9.62
C TRP C 669 -20.10 7.26 -11.11
N SER C 670 -19.03 7.99 -11.45
CA SER C 670 -18.65 8.25 -12.83
C SER C 670 -17.17 7.90 -12.97
N GLU C 671 -16.88 6.64 -13.25
CA GLU C 671 -15.50 6.20 -13.40
C GLU C 671 -14.97 6.60 -14.78
N VAL C 672 -13.76 7.16 -14.80
CA VAL C 672 -13.09 7.52 -16.03
C VAL C 672 -11.66 6.98 -15.97
N GLN C 673 -11.30 6.15 -16.95
CA GLN C 673 -10.01 5.50 -16.98
C GLN C 673 -9.06 6.27 -17.89
N TYR C 674 -7.86 6.54 -17.39
CA TYR C 674 -6.84 7.25 -18.15
C TYR C 674 -5.54 6.46 -18.11
N THR C 675 -4.85 6.39 -19.24
CA THR C 675 -3.60 5.67 -19.37
C THR C 675 -2.43 6.64 -19.35
N ILE C 676 -1.42 6.33 -18.53
CA ILE C 676 -0.22 7.14 -18.40
C ILE C 676 0.95 6.40 -19.02
N GLU C 677 1.84 7.14 -19.69
CA GLU C 677 3.07 6.59 -20.21
C GLU C 677 4.25 7.33 -19.58
N VAL C 678 5.27 6.57 -19.19
CA VAL C 678 6.47 7.12 -18.54
C VAL C 678 7.70 6.66 -19.32
N GLY C 679 8.52 7.62 -19.71
CA GLY C 679 9.74 7.35 -20.46
C GLY C 679 10.97 7.14 -19.61
N SER C 680 10.81 7.00 -18.30
CA SER C 680 11.92 6.86 -17.37
C SER C 680 11.71 5.64 -16.50
N PRO C 681 12.78 5.05 -15.98
CA PRO C 681 12.64 3.90 -15.09
C PRO C 681 11.81 4.24 -13.85
N LEU C 682 11.10 3.24 -13.35
CA LEU C 682 10.19 3.40 -12.23
C LEU C 682 10.60 2.48 -11.09
N LEU C 683 10.53 3.00 -9.87
CA LEU C 683 10.88 2.23 -8.67
C LEU C 683 9.83 2.50 -7.61
N THR C 684 9.43 1.45 -6.88
CA THR C 684 8.30 1.56 -5.96
C THR C 684 8.71 1.18 -4.54
N ALA C 685 10.00 0.93 -4.30
CA ALA C 685 10.58 0.85 -2.96
C ALA C 685 9.91 -0.25 -2.13
N ASP C 686 10.13 -1.49 -2.57
CA ASP C 686 9.64 -2.68 -1.88
C ASP C 686 10.73 -3.33 -1.04
N THR C 687 11.52 -2.48 -0.35
CA THR C 687 12.75 -2.93 0.31
C THR C 687 12.52 -4.11 1.24
N ILE C 688 11.40 -4.13 1.97
CA ILE C 688 11.15 -5.22 2.92
C ILE C 688 11.03 -6.54 2.18
N SER C 689 10.27 -6.56 1.09
CA SER C 689 10.18 -7.76 0.27
C SER C 689 11.48 -8.08 -0.46
N ALA C 690 12.42 -7.14 -0.52
CA ALA C 690 13.71 -7.41 -1.13
C ALA C 690 14.58 -8.29 -0.24
N LEU C 691 14.26 -8.41 1.05
CA LEU C 691 14.99 -9.32 1.94
C LEU C 691 14.45 -10.73 1.79
N THR C 692 14.32 -11.19 0.54
CA THR C 692 13.82 -12.50 0.15
C THR C 692 13.98 -12.57 -1.37
N GLU C 693 14.03 -13.81 -1.89
CA GLU C 693 14.18 -14.11 -3.31
C GLU C 693 15.58 -13.76 -3.79
N PRO C 694 16.13 -14.52 -4.73
CA PRO C 694 17.52 -14.30 -5.14
C PRO C 694 17.71 -12.96 -5.83
N GLY C 695 18.94 -12.46 -5.77
CA GLY C 695 19.30 -11.21 -6.43
C GLY C 695 20.19 -10.30 -5.62
N ASN C 696 20.05 -10.32 -4.29
CA ASN C 696 20.85 -9.49 -3.39
C ASN C 696 20.76 -8.02 -3.78
N ARG C 697 19.55 -7.49 -3.67
CA ARG C 697 19.25 -6.11 -4.06
C ARG C 697 18.48 -5.43 -2.94
N ALA C 698 18.93 -4.23 -2.58
CA ALA C 698 18.41 -3.53 -1.41
C ALA C 698 17.18 -2.68 -1.72
N ALA C 699 16.73 -2.64 -2.97
CA ALA C 699 15.55 -1.86 -3.32
C ALA C 699 14.94 -2.45 -4.57
N ILE C 700 13.70 -2.94 -4.47
CA ILE C 700 13.01 -3.58 -5.58
C ILE C 700 11.63 -2.96 -5.71
N ALA C 701 11.01 -3.18 -6.88
CA ALA C 701 9.68 -2.65 -7.14
C ALA C 701 8.63 -3.46 -6.39
N TYR C 702 7.48 -2.81 -6.17
CA TYR C 702 6.34 -3.46 -5.55
C TYR C 702 5.53 -4.21 -6.60
N LYS C 703 5.14 -5.45 -6.27
CA LYS C 703 4.39 -6.30 -7.18
C LYS C 703 3.09 -6.73 -6.51
N LYS C 704 1.99 -6.65 -7.24
CA LYS C 704 0.68 -7.03 -6.72
C LYS C 704 0.52 -8.55 -6.80
N ARG C 705 -0.68 -9.02 -6.51
CA ARG C 705 -0.99 -10.45 -6.61
C ARG C 705 -2.46 -10.59 -6.99
N VAL C 706 -2.72 -11.36 -8.04
CA VAL C 706 -4.07 -11.52 -8.57
C VAL C 706 -4.40 -13.00 -8.66
N TYR C 707 -5.70 -13.30 -8.66
CA TYR C 707 -6.21 -14.66 -8.71
C TYR C 707 -6.95 -14.87 -10.02
N ASN C 708 -6.60 -15.94 -10.73
CA ASN C 708 -7.18 -16.20 -12.04
C ASN C 708 -8.67 -16.48 -11.94
N ASP C 709 -9.44 -15.91 -12.87
CA ASP C 709 -10.86 -16.19 -12.95
C ASP C 709 -11.08 -17.49 -13.71
N GLY C 710 -11.70 -18.47 -13.05
CA GLY C 710 -11.90 -19.77 -13.63
C GLY C 710 -10.73 -20.72 -13.49
N ASN C 711 -9.61 -20.27 -12.94
CA ASN C 711 -8.44 -21.11 -12.73
C ASN C 711 -7.94 -20.89 -11.30
N ASN C 712 -7.68 -21.99 -10.61
CA ASN C 712 -7.23 -21.90 -9.22
C ASN C 712 -5.80 -21.39 -9.14
N ALA C 713 -5.40 -21.00 -7.93
CA ALA C 713 -4.04 -20.58 -7.60
C ALA C 713 -3.64 -19.29 -8.29
N ILE C 714 -2.54 -18.68 -7.81
CA ILE C 714 -2.04 -17.42 -8.36
C ILE C 714 -1.19 -17.72 -9.58
N GLU C 715 -1.22 -16.79 -10.54
CA GLU C 715 -0.34 -16.89 -11.69
C GLU C 715 1.12 -16.85 -11.22
N PRO C 716 2.01 -17.63 -11.82
CA PRO C 716 3.43 -17.58 -11.42
C PRO C 716 4.05 -16.21 -11.60
N GLU C 717 3.64 -15.45 -12.61
CA GLU C 717 4.21 -14.13 -12.86
C GLU C 717 3.43 -13.08 -12.09
N PRO C 718 4.06 -12.37 -11.15
CA PRO C 718 3.35 -11.29 -10.45
C PRO C 718 3.09 -10.10 -11.38
N ARG C 719 2.07 -9.34 -11.04
CA ARG C 719 1.69 -8.15 -11.82
C ARG C 719 2.37 -6.93 -11.22
N PHE C 720 3.35 -6.39 -11.94
CA PHE C 720 3.98 -5.14 -11.52
C PHE C 720 2.96 -4.01 -11.59
N ALA C 721 2.90 -3.21 -10.52
CA ALA C 721 1.90 -2.15 -10.44
C ALA C 721 2.35 -1.11 -9.43
N VAL C 722 1.71 0.05 -9.51
CA VAL C 722 1.92 1.14 -8.55
C VAL C 722 0.76 1.13 -7.57
N LYS C 723 1.07 1.20 -6.28
CA LYS C 723 0.03 1.13 -5.26
C LYS C 723 -0.97 2.26 -5.44
N SER C 724 -2.26 1.92 -5.26
CA SER C 724 -3.30 2.93 -5.28
C SER C 724 -3.14 3.94 -4.16
N GLU C 725 -2.46 3.57 -3.08
CA GLU C 725 -2.23 4.50 -1.99
C GLU C 725 -1.37 5.68 -2.43
N THR C 726 -0.31 5.40 -3.20
CA THR C 726 0.49 6.48 -3.77
C THR C 726 -0.28 7.25 -4.83
N HIS C 727 -1.14 6.55 -5.58
CA HIS C 727 -2.01 7.21 -6.55
C HIS C 727 -2.89 8.25 -5.85
N ARG C 728 -3.38 7.92 -4.66
CA ARG C 728 -4.19 8.85 -3.88
C ARG C 728 -3.33 9.95 -3.27
N GLY C 729 -2.16 9.60 -2.75
CA GLY C 729 -1.32 10.58 -2.09
C GLY C 729 -0.82 11.66 -3.04
N ILE C 730 -0.44 11.26 -4.26
CA ILE C 730 0.02 12.25 -5.24
C ILE C 730 -1.10 13.20 -5.60
N PHE C 731 -2.32 12.69 -5.83
CA PHE C 731 -3.45 13.54 -6.14
C PHE C 731 -3.76 14.49 -4.98
N ARG C 732 -3.74 13.98 -3.75
CA ARG C 732 -4.04 14.82 -2.59
C ARG C 732 -2.98 15.91 -2.42
N THR C 733 -1.70 15.55 -2.59
CA THR C 733 -0.66 16.55 -2.50
C THR C 733 -0.80 17.61 -3.58
N ALA C 734 -1.16 17.19 -4.80
CA ALA C 734 -1.33 18.13 -5.90
C ALA C 734 -2.47 19.10 -5.62
N VAL C 735 -3.62 18.58 -5.18
CA VAL C 735 -4.76 19.46 -4.94
C VAL C 735 -4.49 20.38 -3.76
N GLY C 736 -3.81 19.88 -2.72
CA GLY C 736 -3.45 20.73 -1.62
C GLY C 736 -2.50 21.85 -2.01
N ARG C 737 -1.51 21.54 -2.86
CA ARG C 737 -0.54 22.55 -3.25
C ARG C 737 -1.14 23.54 -4.24
N ARG C 738 -2.13 23.13 -5.03
CA ARG C 738 -2.83 24.10 -5.87
C ARG C 738 -3.79 24.97 -5.06
N THR C 739 -4.42 24.41 -4.03
CA THR C 739 -5.32 25.18 -3.18
C THR C 739 -4.60 25.93 -2.08
N GLY C 740 -3.38 25.53 -1.73
CA GLY C 740 -2.62 26.20 -0.70
C GLY C 740 -3.03 25.89 0.72
N ASP C 741 -3.93 24.92 0.92
CA ASP C 741 -4.45 24.61 2.24
C ASP C 741 -3.68 23.53 2.98
N LEU C 742 -2.63 22.97 2.38
CA LEU C 742 -1.79 22.03 3.10
C LEU C 742 -0.97 22.76 4.16
N GLY C 743 -0.63 22.02 5.22
CA GLY C 743 0.16 22.57 6.31
C GLY C 743 -0.62 23.34 7.34
N LYS C 744 -1.95 23.27 7.32
CA LYS C 744 -2.77 23.96 8.31
C LYS C 744 -2.73 23.19 9.63
N GLU C 745 -3.52 23.65 10.59
CA GLU C 745 -3.52 23.02 11.91
C GLU C 745 -4.03 21.59 11.84
N ASP C 746 -5.20 21.39 11.23
CA ASP C 746 -5.82 20.06 11.13
C ASP C 746 -7.00 20.16 10.17
N HIS C 747 -7.66 19.03 9.95
CA HIS C 747 -8.83 18.95 9.10
C HIS C 747 -9.99 18.27 9.81
N GLU C 748 -9.97 18.26 11.15
CA GLU C 748 -11.01 17.59 11.92
C GLU C 748 -12.37 18.25 11.69
N ASP C 749 -12.50 19.52 12.09
CA ASP C 749 -13.72 20.28 11.90
C ASP C 749 -13.64 21.21 10.68
N CYS C 750 -12.58 21.09 9.89
CA CYS C 750 -12.40 21.96 8.74
C CYS C 750 -13.40 21.65 7.64
N THR C 751 -13.75 22.66 6.86
CA THR C 751 -14.61 22.52 5.70
C THR C 751 -14.02 23.31 4.53
N CYS C 752 -12.73 23.11 4.28
CA CYS C 752 -12.04 23.81 3.20
C CYS C 752 -12.23 23.04 1.90
N ASP C 753 -11.46 23.42 0.88
CA ASP C 753 -11.53 22.74 -0.42
C ASP C 753 -10.99 21.33 -0.38
N MET C 754 -10.36 20.91 0.72
CA MET C 754 -9.76 19.58 0.84
C MET C 754 -10.66 18.57 1.53
N CYS C 755 -11.36 18.98 2.59
CA CYS C 755 -12.10 18.03 3.41
C CYS C 755 -13.21 17.34 2.63
N ILE C 756 -13.93 18.10 1.81
CA ILE C 756 -15.03 17.51 1.05
C ILE C 756 -14.50 16.59 -0.05
N ILE C 757 -13.47 17.03 -0.79
CA ILE C 757 -13.03 16.28 -1.95
C ILE C 757 -12.30 15.02 -1.54
N PHE C 758 -11.43 15.08 -0.53
CA PHE C 758 -10.55 13.97 -0.19
C PHE C 758 -10.78 13.46 1.23
N GLY C 759 -11.94 13.75 1.83
CA GLY C 759 -12.26 13.24 3.14
C GLY C 759 -11.51 13.96 4.25
N ASN C 760 -11.86 13.57 5.47
CA ASN C 760 -11.25 14.14 6.67
C ASN C 760 -11.42 13.15 7.81
N GLU C 761 -11.16 13.62 9.03
CA GLU C 761 -11.26 12.73 10.19
C GLU C 761 -12.69 12.27 10.42
N HIS C 762 -13.68 13.04 9.96
CA HIS C 762 -15.09 12.72 10.17
C HIS C 762 -15.75 12.14 8.93
N GLU C 763 -15.70 12.84 7.80
CA GLU C 763 -16.44 12.45 6.62
C GLU C 763 -15.59 11.57 5.71
N SER C 764 -16.22 10.52 5.17
CA SER C 764 -15.55 9.67 4.20
C SER C 764 -15.27 10.44 2.93
N SER C 765 -14.14 10.11 2.28
CA SER C 765 -13.76 10.81 1.06
C SER C 765 -14.77 10.54 -0.05
N LYS C 766 -15.03 11.58 -0.85
CA LYS C 766 -15.95 11.48 -1.97
C LYS C 766 -15.26 11.11 -3.27
N ILE C 767 -13.95 10.90 -3.25
CA ILE C 767 -13.21 10.41 -4.39
C ILE C 767 -12.46 9.15 -3.97
N ARG C 768 -12.57 8.10 -4.78
CA ARG C 768 -11.91 6.83 -4.49
C ARG C 768 -11.24 6.31 -5.75
N PHE C 769 -10.08 5.69 -5.57
CA PHE C 769 -9.14 5.41 -6.64
C PHE C 769 -9.02 3.90 -6.84
N GLU C 770 -8.07 3.51 -7.70
CA GLU C 770 -7.81 2.10 -7.97
C GLU C 770 -6.32 1.91 -8.21
N ASP C 771 -5.89 0.65 -8.13
CA ASP C 771 -4.47 0.32 -8.31
C ASP C 771 -4.00 0.70 -9.70
N LEU C 772 -2.84 1.33 -9.77
CA LEU C 772 -2.23 1.72 -11.03
C LEU C 772 -1.36 0.57 -11.53
N GLU C 773 -1.84 -0.13 -12.56
CA GLU C 773 -1.18 -1.32 -13.07
C GLU C 773 -0.50 -1.02 -14.40
N LEU C 774 0.52 -1.82 -14.72
CA LEU C 774 1.26 -1.70 -15.96
C LEU C 774 0.75 -2.74 -16.94
N ILE C 775 0.26 -2.28 -18.10
CA ILE C 775 -0.35 -3.17 -19.08
C ILE C 775 0.68 -3.57 -20.14
N ASN C 776 1.63 -2.68 -20.42
CA ASN C 776 2.64 -2.92 -21.46
C ASN C 776 3.80 -3.73 -20.88
N GLY C 777 3.47 -4.98 -20.54
CA GLY C 777 4.44 -5.85 -19.90
C GLY C 777 5.19 -6.77 -20.84
N ASN C 778 4.46 -7.50 -21.69
CA ASN C 778 5.07 -8.50 -22.56
C ASN C 778 5.45 -7.91 -23.92
N GLU C 779 6.20 -6.80 -23.89
CA GLU C 779 6.67 -6.19 -25.13
C GLU C 779 8.10 -5.68 -25.00
N PHE C 780 8.84 -6.10 -23.98
CA PHE C 780 10.19 -5.61 -23.73
C PHE C 780 11.24 -6.70 -23.81
N GLU C 781 11.06 -7.81 -23.10
CA GLU C 781 12.03 -8.87 -22.87
C GLU C 781 13.19 -8.41 -21.99
N LYS C 782 13.24 -7.12 -21.64
CA LYS C 782 14.19 -6.58 -20.68
C LYS C 782 13.48 -5.58 -19.78
N LEU C 783 12.27 -5.93 -19.32
CA LEU C 783 11.43 -5.01 -18.57
C LEU C 783 12.10 -4.55 -17.28
N GLU C 784 12.99 -5.35 -16.70
CA GLU C 784 13.60 -5.02 -15.43
C GLU C 784 15.08 -4.74 -15.65
N LYS C 785 15.53 -3.55 -15.23
CA LYS C 785 16.90 -3.10 -15.47
C LYS C 785 17.56 -2.76 -14.14
N HIS C 786 18.79 -3.21 -13.97
CA HIS C 786 19.55 -2.97 -12.75
C HIS C 786 20.40 -1.71 -12.89
N ILE C 787 20.32 -0.84 -11.89
CA ILE C 787 21.14 0.38 -11.83
C ILE C 787 21.76 0.47 -10.45
N ASP C 788 23.07 0.71 -10.40
CA ASP C 788 23.79 0.84 -9.14
C ASP C 788 24.03 2.30 -8.80
N HIS C 789 24.08 2.58 -7.50
CA HIS C 789 24.28 3.94 -7.01
C HIS C 789 25.38 3.94 -5.96
N VAL C 790 26.12 5.06 -5.90
CA VAL C 790 27.23 5.23 -4.98
C VAL C 790 27.10 6.62 -4.35
N ALA C 791 27.79 6.80 -3.23
CA ALA C 791 27.89 8.11 -2.56
C ALA C 791 29.37 8.47 -2.51
N ILE C 792 29.84 9.20 -3.53
CA ILE C 792 31.25 9.53 -3.63
C ILE C 792 31.63 10.52 -2.53
N ASP C 793 32.71 10.21 -1.81
CA ASP C 793 33.22 11.11 -0.80
C ASP C 793 33.75 12.39 -1.43
N ARG C 794 33.47 13.52 -0.80
CA ARG C 794 33.94 14.81 -1.31
C ARG C 794 35.39 15.10 -0.96
N PHE C 795 35.97 14.35 -0.03
CA PHE C 795 37.35 14.56 0.39
C PHE C 795 38.35 13.68 -0.36
N THR C 796 37.94 12.50 -0.80
CA THR C 796 38.85 11.58 -1.48
C THR C 796 38.45 11.27 -2.91
N GLY C 797 37.23 11.62 -3.34
CA GLY C 797 36.78 11.35 -4.68
C GLY C 797 36.31 9.93 -4.92
N GLY C 798 36.35 9.07 -3.91
CA GLY C 798 35.88 7.71 -4.02
C GLY C 798 34.65 7.46 -3.17
N ALA C 799 34.26 6.18 -3.12
CA ALA C 799 33.09 5.79 -2.36
C ALA C 799 33.32 6.00 -0.86
N LEU C 800 32.23 6.28 -0.16
CA LEU C 800 32.28 6.42 1.29
C LEU C 800 32.54 5.05 1.92
N ASP C 801 32.78 5.06 3.23
CA ASP C 801 33.11 3.82 3.93
C ASP C 801 32.02 2.77 3.75
N LYS C 802 30.77 3.13 4.07
CA LYS C 802 29.62 2.25 3.83
C LYS C 802 28.46 3.14 3.34
N ALA C 803 28.39 3.35 2.02
CA ALA C 803 27.32 4.17 1.46
C ALA C 803 26.78 3.70 0.12
N LYS C 804 27.23 2.56 -0.42
CA LYS C 804 26.77 2.15 -1.74
C LYS C 804 25.34 1.66 -1.69
N PHE C 805 24.38 2.53 -2.03
CA PHE C 805 22.96 2.19 -2.00
C PHE C 805 22.51 1.75 -3.40
N ASP C 806 22.75 0.48 -3.70
CA ASP C 806 22.32 -0.08 -4.97
C ASP C 806 20.80 -0.12 -5.05
N THR C 807 20.27 0.06 -6.27
CA THR C 807 18.84 0.04 -6.52
C THR C 807 18.54 -0.97 -7.62
N TYR C 808 17.26 -1.09 -7.96
CA TYR C 808 16.82 -2.06 -8.96
C TYR C 808 15.45 -1.68 -9.50
N PRO C 809 15.33 -0.60 -10.29
CA PRO C 809 14.02 -0.17 -10.78
C PRO C 809 13.62 -0.83 -12.08
N LEU C 810 12.48 -0.43 -12.64
CA LEU C 810 12.04 -0.94 -13.92
C LEU C 810 12.86 -0.33 -15.05
N ALA C 811 12.48 -0.66 -16.29
CA ALA C 811 13.05 -0.08 -17.48
C ALA C 811 12.11 0.99 -18.03
N GLY C 812 12.41 1.49 -19.22
CA GLY C 812 11.56 2.50 -19.84
C GLY C 812 12.33 3.61 -20.51
N SER C 813 12.01 3.87 -21.77
CA SER C 813 12.70 4.86 -22.58
C SER C 813 11.71 5.90 -23.11
N PRO C 814 12.19 7.11 -23.43
CA PRO C 814 11.27 8.10 -24.02
C PRO C 814 10.64 7.65 -25.33
N LYS C 815 11.34 6.84 -26.12
CA LYS C 815 10.78 6.31 -27.36
C LYS C 815 9.99 5.03 -27.17
N LYS C 816 10.00 4.47 -25.95
CA LYS C 816 9.22 3.26 -25.65
C LYS C 816 8.87 3.31 -24.17
N PRO C 817 7.74 3.92 -23.84
CA PRO C 817 7.39 4.15 -22.43
C PRO C 817 6.58 3.00 -21.84
N LEU C 818 6.46 3.04 -20.51
CA LEU C 818 5.65 2.07 -19.77
C LEU C 818 4.22 2.57 -19.74
N LYS C 819 3.31 1.83 -20.37
CA LYS C 819 1.90 2.21 -20.41
C LYS C 819 1.27 1.84 -19.07
N LEU C 820 1.04 2.84 -18.23
CA LEU C 820 0.38 2.65 -16.94
C LEU C 820 -1.09 3.00 -17.08
N LYS C 821 -1.96 2.10 -16.61
CA LYS C 821 -3.40 2.25 -16.76
C LYS C 821 -4.06 2.22 -15.39
N GLY C 822 -5.03 3.11 -15.19
CA GLY C 822 -5.77 3.17 -13.96
C GLY C 822 -7.09 3.88 -14.15
N ARG C 823 -7.80 4.08 -13.05
CA ARG C 823 -9.09 4.76 -13.08
C ARG C 823 -9.30 5.49 -11.77
N PHE C 824 -10.16 6.50 -11.81
CA PHE C 824 -10.48 7.28 -10.63
C PHE C 824 -11.94 7.71 -10.68
N TRP C 825 -12.61 7.63 -9.54
CA TRP C 825 -14.06 7.70 -9.46
C TRP C 825 -14.53 9.04 -8.92
N ILE C 826 -15.62 9.55 -9.50
CA ILE C 826 -16.21 10.82 -9.10
C ILE C 826 -17.70 10.61 -8.80
N LYS C 827 -18.15 11.19 -7.70
CA LYS C 827 -19.56 11.11 -7.31
C LYS C 827 -20.34 12.30 -7.87
N LYS C 828 -21.66 12.14 -7.91
CA LYS C 828 -22.52 13.13 -8.54
C LYS C 828 -22.83 14.31 -7.62
N GLY C 829 -21.80 14.91 -7.03
CA GLY C 829 -22.01 16.06 -6.18
C GLY C 829 -20.93 17.11 -6.32
N PHE C 830 -19.96 16.86 -7.20
CA PHE C 830 -18.90 17.83 -7.45
C PHE C 830 -19.40 18.92 -8.37
N SER C 831 -19.20 20.18 -7.98
CA SER C 831 -19.63 21.31 -8.78
C SER C 831 -18.65 21.55 -9.92
N GLY C 832 -18.93 22.58 -10.73
CA GLY C 832 -18.09 22.86 -11.87
C GLY C 832 -16.67 23.24 -11.48
N ASP C 833 -16.52 24.02 -10.41
CA ASP C 833 -15.20 24.41 -9.96
C ASP C 833 -14.38 23.21 -9.51
N HIS C 834 -15.00 22.27 -8.80
CA HIS C 834 -14.29 21.08 -8.36
C HIS C 834 -13.93 20.18 -9.54
N LYS C 835 -14.81 20.09 -10.54
CA LYS C 835 -14.50 19.29 -11.71
C LYS C 835 -13.34 19.89 -12.51
N LEU C 836 -13.35 21.21 -12.72
CA LEU C 836 -12.22 21.83 -13.40
C LEU C 836 -10.95 21.73 -12.55
N LEU C 837 -11.08 21.74 -11.23
CA LEU C 837 -9.93 21.54 -10.36
C LEU C 837 -9.34 20.13 -10.53
N ILE C 838 -10.18 19.11 -10.63
CA ILE C 838 -9.65 17.76 -10.81
C ILE C 838 -9.07 17.59 -12.20
N THR C 839 -9.63 18.28 -13.21
CA THR C 839 -9.01 18.25 -14.53
C THR C 839 -7.65 18.94 -14.51
N THR C 840 -7.52 20.03 -13.75
CA THR C 840 -6.21 20.65 -13.55
C THR C 840 -5.27 19.72 -12.79
N ALA C 841 -5.81 18.92 -11.87
CA ALA C 841 -4.99 17.93 -11.18
C ALA C 841 -4.41 16.92 -12.17
N LEU C 842 -5.24 16.46 -13.12
CA LEU C 842 -4.74 15.57 -14.16
C LEU C 842 -3.74 16.29 -15.06
N SER C 843 -4.00 17.56 -15.38
CA SER C 843 -3.13 18.31 -16.27
C SER C 843 -1.76 18.58 -15.65
N ASP C 844 -1.70 18.71 -14.32
CA ASP C 844 -0.41 18.85 -13.66
C ASP C 844 0.44 17.60 -13.86
N ILE C 845 -0.18 16.43 -13.79
CA ILE C 845 0.51 15.19 -14.16
C ILE C 845 0.84 15.19 -15.64
N ARG C 846 0.01 15.84 -16.45
CA ARG C 846 0.27 15.90 -17.89
C ARG C 846 1.56 16.65 -18.20
N ASP C 847 1.96 17.58 -17.32
CA ASP C 847 3.17 18.36 -17.52
C ASP C 847 4.36 17.82 -16.74
N GLY C 848 4.21 16.66 -16.10
CA GLY C 848 5.34 16.05 -15.41
C GLY C 848 5.76 16.71 -14.12
N LEU C 849 4.88 17.47 -13.48
CA LEU C 849 5.23 18.13 -12.22
C LEU C 849 5.49 17.10 -11.13
N TYR C 850 4.69 16.05 -11.05
CA TYR C 850 4.77 15.07 -9.99
C TYR C 850 5.30 13.74 -10.52
N PRO C 851 6.41 13.24 -9.99
CA PRO C 851 6.95 11.97 -10.50
C PRO C 851 6.33 10.75 -9.82
N LEU C 852 5.84 9.81 -10.62
CA LEU C 852 5.34 8.55 -10.08
C LEU C 852 6.47 7.74 -9.47
N GLY C 853 6.15 6.96 -8.45
CA GLY C 853 7.16 6.16 -7.80
C GLY C 853 8.03 7.00 -6.87
N SER C 854 9.17 6.42 -6.50
CA SER C 854 10.10 7.03 -5.57
C SER C 854 11.35 7.50 -6.29
N LYS C 855 12.19 8.20 -5.54
CA LYS C 855 13.48 8.71 -6.03
C LYS C 855 13.29 9.61 -7.26
N GLY C 856 12.38 10.57 -7.13
CA GLY C 856 12.13 11.49 -8.24
C GLY C 856 13.31 12.39 -8.54
N GLY C 857 14.09 12.75 -7.52
CA GLY C 857 15.21 13.67 -7.68
C GLY C 857 16.35 13.16 -8.53
N VAL C 858 16.16 12.01 -9.15
CA VAL C 858 17.16 11.43 -10.04
C VAL C 858 16.56 11.37 -11.44
N GLY C 859 15.23 11.26 -11.50
CA GLY C 859 14.54 11.21 -12.76
C GLY C 859 13.65 9.99 -12.89
N TYR C 860 13.41 9.32 -11.77
CA TYR C 860 12.68 8.06 -11.78
C TYR C 860 11.18 8.32 -11.90
N GLY C 861 10.53 7.62 -12.82
CA GLY C 861 9.09 7.70 -12.98
C GLY C 861 8.56 9.07 -13.37
N TRP C 862 9.19 9.70 -14.36
CA TRP C 862 8.74 11.01 -14.84
C TRP C 862 7.62 10.83 -15.86
N VAL C 863 6.40 11.15 -15.45
CA VAL C 863 5.27 11.10 -16.37
C VAL C 863 5.45 12.15 -17.46
N ALA C 864 5.02 11.82 -18.67
CA ALA C 864 5.17 12.70 -19.83
C ALA C 864 3.91 12.70 -20.67
N GLY C 865 2.75 12.78 -20.03
CA GLY C 865 1.50 12.84 -20.75
C GLY C 865 0.50 11.75 -20.39
N ILE C 866 -0.78 12.06 -20.44
CA ILE C 866 -1.84 11.12 -20.13
C ILE C 866 -2.86 11.12 -21.26
N SER C 867 -3.25 9.94 -21.71
CA SER C 867 -4.30 9.76 -22.69
C SER C 867 -5.55 9.19 -22.03
N ILE C 868 -6.70 9.40 -22.67
CA ILE C 868 -7.99 9.00 -22.13
C ILE C 868 -8.61 7.97 -23.06
N ASP C 869 -9.22 6.94 -22.47
CA ASP C 869 -9.83 5.85 -23.22
C ASP C 869 -11.22 6.28 -23.71
N ASP C 870 -12.01 5.31 -24.17
CA ASP C 870 -13.34 5.59 -24.71
C ASP C 870 -14.42 4.91 -23.89
N ASN C 871 -14.34 5.04 -22.56
CA ASN C 871 -15.31 4.47 -21.63
C ASN C 871 -16.33 5.50 -21.19
N VAL C 872 -16.74 6.37 -22.11
CA VAL C 872 -17.64 7.51 -21.85
C VAL C 872 -16.99 8.46 -20.86
N PRO C 873 -15.79 9.00 -21.14
CA PRO C 873 -15.19 9.97 -20.23
C PRO C 873 -15.58 11.41 -20.57
N ASP C 874 -16.65 11.56 -21.36
CA ASP C 874 -16.98 12.86 -21.95
C ASP C 874 -17.22 13.95 -20.91
N ASP C 875 -17.54 13.58 -19.67
CA ASP C 875 -17.74 14.59 -18.63
C ASP C 875 -16.45 15.37 -18.37
N PHE C 876 -15.31 14.69 -18.33
CA PHE C 876 -14.03 15.35 -18.08
C PHE C 876 -13.19 15.54 -19.33
N LYS C 877 -13.53 14.86 -20.43
CA LYS C 877 -12.73 14.98 -21.64
C LYS C 877 -12.77 16.39 -22.21
N GLU C 878 -13.94 17.04 -22.17
CA GLU C 878 -14.07 18.39 -22.73
C GLU C 878 -13.19 19.38 -21.98
N MET C 879 -13.12 19.27 -20.65
CA MET C 879 -12.32 20.19 -19.85
C MET C 879 -10.82 20.00 -20.05
N ILE C 880 -10.40 18.91 -20.69
CA ILE C 880 -8.98 18.68 -20.94
C ILE C 880 -8.74 18.47 -22.43
N ASN C 896 13.33 31.93 -29.38
CA ASN C 896 14.50 32.45 -30.09
C ASN C 896 15.72 31.56 -29.86
N GLY C 897 16.91 32.13 -30.08
CA GLY C 897 18.14 31.40 -29.89
C GLY C 897 18.39 31.04 -28.44
N PRO C 898 19.01 29.88 -28.21
CA PRO C 898 19.31 29.47 -26.84
C PRO C 898 20.31 30.41 -26.18
N ILE C 899 20.16 30.55 -24.85
CA ILE C 899 21.06 31.41 -24.10
C ILE C 899 22.46 30.77 -24.03
N ASN C 900 23.47 31.61 -23.87
CA ASN C 900 24.85 31.15 -23.79
C ASN C 900 25.67 32.22 -23.08
N ASN C 901 26.28 31.86 -21.97
CA ASN C 901 27.12 32.81 -21.23
C ASN C 901 28.36 33.17 -22.04
N ASP C 902 28.74 34.44 -21.97
CA ASP C 902 29.91 34.95 -22.69
C ASP C 902 31.13 35.12 -21.78
N TYR C 903 31.05 34.65 -20.54
CA TYR C 903 32.17 34.79 -19.61
C TYR C 903 33.30 33.86 -20.05
N VAL C 904 34.52 34.39 -20.06
CA VAL C 904 35.71 33.65 -20.43
C VAL C 904 36.73 33.74 -19.31
N HIS C 905 37.32 32.60 -18.96
CA HIS C 905 38.31 32.63 -17.89
C HIS C 905 39.73 32.56 -18.46
N PRO C 906 40.65 33.38 -17.94
CA PRO C 906 42.02 33.38 -18.46
C PRO C 906 42.73 32.05 -18.25
N GLY C 907 42.79 31.59 -17.00
CA GLY C 907 43.46 30.34 -16.68
C GLY C 907 44.92 30.35 -17.05
N HIS C 908 45.64 31.41 -16.68
CA HIS C 908 47.03 31.61 -17.09
C HIS C 908 48.02 31.05 -16.07
N GLN C 909 47.63 30.02 -15.31
CA GLN C 909 48.58 29.39 -14.41
C GLN C 909 49.72 28.72 -15.17
N SER C 910 49.39 28.05 -16.28
CA SER C 910 50.40 27.44 -17.15
C SER C 910 49.83 27.31 -18.55
N PRO C 911 49.69 28.42 -19.27
CA PRO C 911 49.11 28.36 -20.62
C PRO C 911 50.13 28.13 -21.74
N LYS C 912 51.42 28.19 -21.44
CA LYS C 912 52.45 27.98 -22.45
C LYS C 912 53.75 27.49 -21.82
N ILE C 920 55.61 19.73 -14.41
CA ILE C 920 54.62 18.69 -14.62
C ILE C 920 53.39 18.96 -13.77
N TYR C 921 52.22 18.68 -14.33
CA TYR C 921 50.95 18.96 -13.66
C TYR C 921 50.58 17.79 -12.75
N TYR C 922 49.33 17.80 -12.25
CA TYR C 922 48.83 16.75 -11.40
C TYR C 922 47.32 16.70 -11.64
N PRO C 923 46.74 15.51 -11.81
CA PRO C 923 45.33 15.44 -12.22
C PRO C 923 44.34 16.05 -11.22
N HIS C 924 44.42 15.67 -9.94
CA HIS C 924 43.43 16.09 -8.96
C HIS C 924 44.03 17.12 -8.01
N TYR C 925 43.28 18.19 -7.76
CA TYR C 925 43.68 19.28 -6.88
C TYR C 925 42.68 19.44 -5.75
N PHE C 926 43.16 20.03 -4.65
CA PHE C 926 42.33 20.29 -3.48
C PHE C 926 41.93 21.77 -3.44
N LEU C 927 40.72 22.02 -2.96
CA LEU C 927 40.14 23.36 -2.93
C LEU C 927 39.85 23.74 -1.48
N ASP C 928 40.82 24.39 -0.85
CA ASP C 928 40.64 24.87 0.52
C ASP C 928 39.80 26.15 0.51
N SER C 929 38.79 26.19 1.37
CA SER C 929 37.88 27.32 1.43
C SER C 929 37.75 27.92 2.83
N GLY C 930 38.63 27.55 3.75
CA GLY C 930 38.57 28.11 5.09
C GLY C 930 37.44 27.51 5.93
N SER C 931 37.25 28.11 7.10
CA SER C 931 36.24 27.69 8.05
C SER C 931 35.01 28.58 8.05
N LYS C 932 34.90 29.49 7.08
CA LYS C 932 33.75 30.40 6.99
C LYS C 932 32.57 29.62 6.41
N VAL C 933 31.56 29.35 7.23
CA VAL C 933 30.41 28.55 6.84
C VAL C 933 29.15 29.31 7.20
N TYR C 934 28.24 29.44 6.23
CA TYR C 934 26.93 30.06 6.44
C TYR C 934 25.84 29.03 6.17
N ARG C 935 24.90 28.93 7.09
CA ARG C 935 23.78 28.01 6.96
C ARG C 935 22.47 28.76 7.23
N GLU C 936 21.40 28.32 6.57
CA GLU C 936 20.09 28.96 6.67
C GLU C 936 19.27 28.19 7.70
N LYS C 937 19.13 28.77 8.90
CA LYS C 937 18.31 28.14 9.93
C LYS C 937 16.84 28.10 9.53
N ASP C 938 16.34 29.19 8.94
CA ASP C 938 14.95 29.27 8.52
C ASP C 938 14.78 28.53 7.20
N ILE C 939 14.44 27.25 7.28
CA ILE C 939 14.27 26.43 6.10
C ILE C 939 13.04 26.90 5.33
N ILE C 940 13.13 26.87 4.00
CA ILE C 940 11.99 27.18 3.16
C ILE C 940 11.12 25.94 3.04
N THR C 941 9.86 26.06 3.43
CA THR C 941 8.97 24.91 3.45
C THR C 941 8.70 24.41 2.03
N HIS C 942 8.46 23.10 1.93
CA HIS C 942 8.12 22.46 0.66
C HIS C 942 6.61 22.38 0.45
N GLU C 943 5.88 23.36 0.98
CA GLU C 943 4.43 23.41 0.89
C GLU C 943 3.98 23.90 -0.49
N GLU C 944 2.71 24.30 -0.58
CA GLU C 944 2.10 24.76 -1.84
C GLU C 944 2.98 25.74 -2.60
N PHE C 945 2.87 25.72 -3.93
CA PHE C 945 3.69 26.58 -4.78
C PHE C 945 3.50 28.05 -4.42
N THR C 946 4.60 28.78 -4.38
CA THR C 946 4.59 30.20 -4.10
C THR C 946 4.70 30.98 -5.41
N GLU C 947 3.87 32.02 -5.54
CA GLU C 947 3.75 32.72 -6.82
C GLU C 947 5.05 33.42 -7.21
N GLU C 948 5.67 34.13 -6.27
CA GLU C 948 6.83 34.94 -6.61
C GLU C 948 8.07 34.08 -6.82
N LEU C 949 8.22 32.99 -6.06
CA LEU C 949 9.35 32.09 -6.26
C LEU C 949 9.18 31.31 -7.55
N LEU C 950 10.25 31.26 -8.35
CA LEU C 950 10.18 30.65 -9.67
C LEU C 950 10.09 29.13 -9.58
N SER C 951 9.53 28.54 -10.63
CA SER C 951 9.41 27.09 -10.74
C SER C 951 9.18 26.74 -12.21
N GLY C 952 9.89 25.72 -12.69
CA GLY C 952 9.80 25.34 -14.08
C GLY C 952 10.90 24.36 -14.44
N LYS C 953 11.10 24.21 -15.75
CA LYS C 953 12.07 23.27 -16.31
C LYS C 953 13.20 24.03 -17.00
N ILE C 954 14.32 23.33 -17.18
CA ILE C 954 15.46 23.87 -17.92
C ILE C 954 15.95 22.82 -18.92
N ASN C 955 15.52 22.94 -20.17
CA ASN C 955 16.05 22.08 -21.21
C ASN C 955 17.49 22.47 -21.54
N CYS C 956 18.33 21.48 -21.81
CA CYS C 956 19.74 21.73 -22.03
C CYS C 956 20.29 20.78 -23.07
N LYS C 957 21.45 21.14 -23.62
CA LYS C 957 22.17 20.33 -24.59
C LYS C 957 23.48 19.86 -23.94
N LEU C 958 23.59 18.56 -23.71
CA LEU C 958 24.81 17.98 -23.17
C LEU C 958 25.77 17.70 -24.34
N GLU C 959 26.83 18.49 -24.43
CA GLU C 959 27.78 18.40 -25.53
C GLU C 959 29.04 17.67 -25.07
N THR C 960 29.43 16.64 -25.82
CA THR C 960 30.59 15.84 -25.50
C THR C 960 31.80 16.34 -26.29
N LEU C 961 32.85 16.73 -25.56
CA LEU C 961 34.08 17.20 -26.19
C LEU C 961 35.14 16.11 -26.23
N THR C 962 35.52 15.58 -25.07
CA THR C 962 36.38 14.42 -24.97
C THR C 962 35.54 13.15 -24.99
N PRO C 963 36.15 11.99 -25.22
CA PRO C 963 35.40 10.74 -25.13
C PRO C 963 34.74 10.60 -23.76
N LEU C 964 33.48 10.19 -23.77
CA LEU C 964 32.68 10.08 -22.55
C LEU C 964 32.50 8.61 -22.22
N ILE C 965 32.76 8.26 -20.96
CA ILE C 965 32.85 6.88 -20.51
C ILE C 965 31.87 6.70 -19.36
N ILE C 966 30.68 6.16 -19.66
CA ILE C 966 29.66 5.90 -18.67
C ILE C 966 29.31 4.42 -18.73
N PRO C 967 29.76 3.63 -17.74
CA PRO C 967 29.52 2.19 -17.78
C PRO C 967 28.22 1.77 -17.11
N ASP C 968 27.52 0.84 -17.75
CA ASP C 968 26.35 0.19 -17.16
C ASP C 968 26.84 -0.96 -16.29
N THR C 969 27.20 -0.61 -15.05
CA THR C 969 27.84 -1.55 -14.13
C THR C 969 26.93 -2.69 -13.70
N SER C 970 25.68 -2.74 -14.17
CA SER C 970 24.83 -3.89 -13.87
C SER C 970 25.40 -5.17 -14.47
N ASP C 971 25.91 -5.08 -15.70
CA ASP C 971 26.50 -6.22 -16.40
C ASP C 971 28.02 -6.03 -16.40
N GLU C 972 28.71 -6.84 -15.60
CA GLU C 972 30.17 -6.81 -15.58
C GLU C 972 30.78 -7.59 -16.74
N ASN C 973 29.97 -8.27 -17.54
CA ASN C 973 30.42 -9.00 -18.72
C ASN C 973 29.63 -8.54 -19.94
N GLY C 974 29.38 -7.23 -20.03
CA GLY C 974 28.60 -6.71 -21.13
C GLY C 974 29.30 -6.83 -22.48
N LEU C 975 30.60 -6.56 -22.52
CA LEU C 975 31.36 -6.59 -23.76
C LEU C 975 31.66 -8.01 -24.24
N LYS C 976 31.33 -9.03 -23.44
CA LYS C 976 31.56 -10.43 -23.80
C LYS C 976 33.04 -10.73 -24.05
N LEU C 977 33.92 -10.01 -23.36
CA LEU C 977 35.35 -10.24 -23.44
C LEU C 977 35.85 -11.14 -22.32
N GLN C 978 34.95 -11.68 -21.50
CA GLN C 978 35.36 -12.54 -20.39
C GLN C 978 35.93 -13.86 -20.88
N GLY C 979 35.45 -14.36 -22.02
CA GLY C 979 35.96 -15.61 -22.54
C GLY C 979 37.44 -15.55 -22.90
N ASN C 980 37.84 -14.48 -23.59
CA ASN C 980 39.24 -14.33 -23.96
C ASN C 980 40.11 -14.09 -22.73
N LYS C 981 39.67 -13.23 -21.81
CA LYS C 981 40.41 -12.91 -20.60
C LYS C 981 39.51 -13.16 -19.39
N PRO C 982 39.59 -14.35 -18.80
CA PRO C 982 38.77 -14.64 -17.61
C PRO C 982 39.10 -13.69 -16.47
N GLY C 983 38.06 -13.32 -15.71
CA GLY C 983 38.21 -12.42 -14.60
C GLY C 983 38.33 -10.96 -14.95
N HIS C 984 38.18 -10.60 -16.23
CA HIS C 984 38.30 -9.23 -16.68
C HIS C 984 36.92 -8.59 -16.78
N LYS C 985 36.74 -7.47 -16.09
CA LYS C 985 35.47 -6.77 -16.12
C LYS C 985 35.19 -6.24 -17.52
N ASN C 986 33.96 -6.43 -17.98
CA ASN C 986 33.52 -5.99 -19.31
C ASN C 986 32.30 -5.11 -19.12
N TYR C 987 32.53 -3.83 -18.86
CA TYR C 987 31.45 -2.88 -18.71
C TYR C 987 30.87 -2.52 -20.07
N LYS C 988 29.62 -2.07 -20.07
CA LYS C 988 28.93 -1.64 -21.27
C LYS C 988 28.37 -0.24 -21.04
N PHE C 989 28.20 0.51 -22.13
CA PHE C 989 27.65 1.86 -22.02
C PHE C 989 26.23 1.81 -21.48
N PHE C 990 25.92 2.77 -20.62
CA PHE C 990 24.59 2.83 -20.01
C PHE C 990 23.52 2.98 -21.09
N ASN C 991 22.48 2.15 -21.00
CA ASN C 991 21.39 2.20 -21.96
C ASN C 991 20.16 1.58 -21.32
N ILE C 992 19.00 2.17 -21.60
CA ILE C 992 17.72 1.71 -21.07
C ILE C 992 16.86 1.28 -22.25
N ASN C 993 16.42 0.02 -22.23
CA ASN C 993 15.59 -0.54 -23.30
C ASN C 993 16.27 -0.40 -24.67
N GLY C 994 17.59 -0.57 -24.70
CA GLY C 994 18.33 -0.52 -25.94
C GLY C 994 18.56 0.87 -26.49
N GLU C 995 18.34 1.92 -25.71
CA GLU C 995 18.53 3.30 -26.16
C GLU C 995 19.53 4.00 -25.25
N LEU C 996 20.39 4.82 -25.86
CA LEU C 996 21.43 5.51 -25.11
C LEU C 996 20.82 6.42 -24.05
N MET C 997 21.36 6.34 -22.84
CA MET C 997 20.87 7.12 -21.71
C MET C 997 22.05 7.57 -20.85
N ILE C 998 21.76 8.47 -19.93
CA ILE C 998 22.73 8.94 -18.93
C ILE C 998 22.08 8.84 -17.56
N PRO C 999 22.73 8.24 -16.57
CA PRO C 999 22.14 8.16 -15.22
C PRO C 999 21.92 9.56 -14.65
N GLY C 1000 20.69 9.81 -14.20
CA GLY C 1000 20.37 11.09 -13.59
C GLY C 1000 21.16 11.36 -12.33
N SER C 1001 21.50 10.31 -11.58
CA SER C 1001 22.26 10.49 -10.35
C SER C 1001 23.65 11.03 -10.62
N GLU C 1002 24.23 10.71 -11.79
CA GLU C 1002 25.53 11.23 -12.14
C GLU C 1002 25.52 12.76 -12.24
N LEU C 1003 24.59 13.29 -13.03
CA LEU C 1003 24.43 14.74 -13.12
C LEU C 1003 24.05 15.32 -11.76
N ARG C 1004 23.18 14.62 -11.02
CA ARG C 1004 22.81 15.04 -9.68
C ARG C 1004 24.04 15.28 -8.82
N GLY C 1005 24.92 14.28 -8.75
CA GLY C 1005 26.10 14.38 -7.91
C GLY C 1005 27.09 15.42 -8.39
N MET C 1006 27.35 15.45 -9.70
CA MET C 1006 28.33 16.41 -10.21
C MET C 1006 27.86 17.84 -10.01
N LEU C 1007 26.58 18.11 -10.31
CA LEU C 1007 26.06 19.46 -10.11
C LEU C 1007 25.97 19.82 -8.63
N ARG C 1008 25.66 18.85 -7.76
CA ARG C 1008 25.67 19.12 -6.34
C ARG C 1008 27.06 19.49 -5.86
N THR C 1009 28.09 18.75 -6.31
CA THR C 1009 29.46 19.09 -5.94
C THR C 1009 29.84 20.47 -6.45
N HIS C 1010 29.49 20.78 -7.71
CA HIS C 1010 29.83 22.08 -8.26
C HIS C 1010 29.15 23.20 -7.48
N PHE C 1011 27.86 23.04 -7.17
CA PHE C 1011 27.13 24.08 -6.44
C PHE C 1011 27.66 24.24 -5.03
N GLU C 1012 27.95 23.14 -4.34
CA GLU C 1012 28.45 23.21 -2.98
C GLU C 1012 29.82 23.86 -2.93
N ALA C 1013 30.72 23.48 -3.86
CA ALA C 1013 32.03 24.11 -3.90
C ALA C 1013 31.93 25.58 -4.26
N LEU C 1014 30.99 25.94 -5.15
CA LEU C 1014 30.78 27.35 -5.47
C LEU C 1014 30.31 28.11 -4.24
N THR C 1015 29.42 27.51 -3.46
CA THR C 1015 28.91 28.13 -2.24
C THR C 1015 29.78 27.84 -1.02
N LYS C 1016 30.81 26.99 -1.17
CA LYS C 1016 31.75 26.60 -0.11
C LYS C 1016 31.07 26.37 1.23
N SER C 1017 29.86 25.79 1.20
CA SER C 1017 29.06 25.67 2.41
C SER C 1017 29.61 24.65 3.39
N CYS C 1018 29.64 23.38 2.99
CA CYS C 1018 30.05 22.29 3.87
C CYS C 1018 30.54 21.14 3.00
N PHE C 1019 30.69 19.97 3.62
CA PHE C 1019 31.00 18.74 2.93
C PHE C 1019 29.73 17.89 2.89
N ALA C 1020 29.17 17.71 1.70
CA ALA C 1020 27.93 16.94 1.59
C ALA C 1020 28.11 15.51 2.05
N ILE C 1021 29.21 14.88 1.65
CA ILE C 1021 29.56 13.53 2.09
C ILE C 1021 31.00 13.57 2.59
N PHE C 1022 31.20 13.19 3.84
CA PHE C 1022 32.52 13.22 4.46
C PHE C 1022 32.84 11.86 5.06
N GLY C 1023 34.08 11.44 4.92
CA GLY C 1023 34.52 10.15 5.43
C GLY C 1023 35.00 10.22 6.86
N GLU C 1024 34.06 10.35 7.80
CA GLU C 1024 34.41 10.42 9.21
C GLU C 1024 34.85 9.05 9.71
N ASP C 1025 35.50 9.05 10.88
CA ASP C 1025 36.01 7.84 11.53
C ASP C 1025 36.99 7.11 10.61
N SER C 1026 38.08 7.80 10.28
CA SER C 1026 39.11 7.25 9.41
C SER C 1026 40.48 7.62 9.96
N THR C 1027 41.49 6.84 9.59
CA THR C 1027 42.86 7.04 10.03
C THR C 1027 43.72 7.38 8.83
N LEU C 1028 44.53 8.44 8.96
CA LEU C 1028 45.43 8.88 7.91
C LEU C 1028 46.82 9.08 8.47
N SER C 1029 47.83 8.83 7.63
CA SER C 1029 49.22 8.98 8.04
C SER C 1029 49.90 10.10 7.29
N LYS C 1393 44.95 9.13 13.65
CA LYS C 1393 43.61 8.66 13.31
C LYS C 1393 42.58 9.78 13.48
N THR C 1394 41.30 9.39 13.49
CA THR C 1394 40.19 10.32 13.67
C THR C 1394 40.22 11.43 12.61
N LEU C 1395 40.04 11.01 11.35
CA LEU C 1395 40.02 11.96 10.24
C LEU C 1395 38.90 12.97 10.38
N GLY C 1396 37.80 12.58 11.02
CA GLY C 1396 36.71 13.52 11.26
C GLY C 1396 37.04 14.56 12.32
N GLY C 1397 37.95 14.25 13.23
CA GLY C 1397 38.33 15.22 14.24
C GLY C 1397 39.28 16.29 13.74
N LYS C 1398 40.07 15.98 12.72
CA LYS C 1398 40.98 16.98 12.17
C LYS C 1398 40.21 18.13 11.54
N LEU C 1399 39.13 17.82 10.83
CA LEU C 1399 38.28 18.86 10.26
C LEU C 1399 37.56 19.62 11.37
N ASP C 1400 37.60 20.95 11.28
CA ASP C 1400 37.07 21.80 12.33
C ASP C 1400 35.55 21.66 12.44
N LYS C 1401 35.02 22.06 13.58
CA LYS C 1401 33.60 21.88 13.84
C LYS C 1401 32.77 22.97 13.17
N ALA C 1402 33.00 23.18 11.88
CA ALA C 1402 32.15 24.06 11.06
C ALA C 1402 31.85 23.51 9.68
N LEU C 1403 32.59 22.53 9.18
CA LEU C 1403 32.39 21.97 7.86
C LEU C 1403 31.71 20.60 7.90
N HIS C 1404 31.10 20.24 9.02
CA HIS C 1404 30.49 18.93 9.15
C HIS C 1404 29.31 18.79 8.19
N PRO C 1405 28.97 17.57 7.79
CA PRO C 1405 27.85 17.36 6.87
C PRO C 1405 26.54 17.87 7.44
N CYS C 1406 25.52 17.86 6.58
CA CYS C 1406 24.21 18.40 6.94
C CYS C 1406 23.58 17.56 8.04
N THR C 1407 23.50 18.13 9.24
CA THR C 1407 22.89 17.48 10.39
C THR C 1407 21.38 17.75 10.37
N GLY C 1408 20.72 17.51 11.50
CA GLY C 1408 19.29 17.73 11.62
C GLY C 1408 18.83 19.12 11.20
N LEU C 1409 17.51 19.29 11.04
CA LEU C 1409 16.94 20.50 10.44
C LEU C 1409 16.66 21.59 11.46
N SER C 1410 17.38 21.61 12.58
CA SER C 1410 17.19 22.61 13.63
C SER C 1410 18.34 23.59 13.73
N ASP C 1411 19.57 23.10 13.85
CA ASP C 1411 20.73 23.98 14.01
C ASP C 1411 21.15 24.67 12.71
N GLY C 1412 20.70 24.18 11.57
CA GLY C 1412 21.07 24.77 10.30
C GLY C 1412 20.96 23.75 9.19
N LEU C 1413 21.27 24.21 7.98
CA LEU C 1413 21.19 23.36 6.81
C LEU C 1413 22.04 23.97 5.70
N CYS C 1414 22.73 23.13 4.95
CA CYS C 1414 23.67 23.61 3.95
C CYS C 1414 22.95 24.35 2.83
N PRO C 1415 23.44 25.52 2.41
CA PRO C 1415 22.84 26.17 1.23
C PRO C 1415 22.87 25.30 -0.01
N GLY C 1416 23.93 24.51 -0.19
CA GLY C 1416 23.94 23.54 -1.27
C GLY C 1416 22.85 22.49 -1.09
N CYS C 1417 22.64 22.04 0.14
CA CYS C 1417 21.55 21.14 0.46
C CYS C 1417 20.21 21.87 0.60
N HIS C 1418 20.23 23.20 0.71
CA HIS C 1418 18.98 23.95 0.73
C HIS C 1418 18.26 23.87 -0.61
N LEU C 1419 18.99 23.65 -1.69
CA LEU C 1419 18.44 23.50 -3.02
C LEU C 1419 18.44 22.05 -3.49
N PHE C 1420 19.59 21.37 -3.41
CA PHE C 1420 19.66 19.99 -3.90
C PHE C 1420 18.92 19.03 -2.96
N GLY C 1421 18.92 19.31 -1.67
CA GLY C 1421 18.17 18.50 -0.73
C GLY C 1421 19.01 17.54 0.11
N THR C 1422 18.98 17.74 1.42
CA THR C 1422 19.66 16.84 2.36
C THR C 1422 18.68 15.78 2.85
N THR C 1423 19.07 15.05 3.90
CA THR C 1423 18.18 14.06 4.48
C THR C 1423 17.02 14.75 5.19
N ASP C 1424 15.87 14.05 5.22
CA ASP C 1424 14.65 14.53 5.88
C ASP C 1424 14.16 15.83 5.25
N TYR C 1425 14.50 16.05 3.98
CA TYR C 1425 14.04 17.24 3.26
C TYR C 1425 14.16 16.96 1.77
N LYS C 1426 13.03 16.98 1.06
CA LYS C 1426 13.05 16.69 -0.36
C LYS C 1426 13.68 17.84 -1.13
N GLY C 1427 14.62 17.52 -2.01
CA GLY C 1427 15.19 18.54 -2.87
C GLY C 1427 14.17 19.03 -3.88
N ARG C 1428 14.20 20.35 -4.14
CA ARG C 1428 13.24 20.92 -5.06
C ARG C 1428 13.56 20.58 -6.51
N VAL C 1429 14.84 20.37 -6.82
CA VAL C 1429 15.27 20.11 -8.19
C VAL C 1429 15.30 18.62 -8.45
N LYS C 1430 14.62 18.19 -9.50
CA LYS C 1430 14.58 16.80 -9.94
C LYS C 1430 15.36 16.72 -11.26
N PHE C 1431 16.51 16.07 -11.24
CA PHE C 1431 17.28 15.88 -12.45
C PHE C 1431 16.63 14.84 -13.36
N GLY C 1432 17.06 14.82 -14.62
CA GLY C 1432 16.48 13.96 -15.61
C GLY C 1432 17.51 13.05 -16.27
N PHE C 1433 17.01 12.20 -17.16
CA PHE C 1433 17.82 11.25 -17.90
C PHE C 1433 18.00 11.77 -19.31
N ALA C 1434 19.26 11.93 -19.73
CA ALA C 1434 19.55 12.46 -21.05
C ALA C 1434 19.25 11.45 -22.14
N LYS C 1435 18.77 11.95 -23.28
CA LYS C 1435 18.49 11.15 -24.47
C LYS C 1435 19.24 11.78 -25.64
N TYR C 1436 20.38 11.19 -26.00
CA TYR C 1436 21.24 11.77 -27.03
C TYR C 1436 20.54 11.83 -28.38
N GLU C 1437 20.23 10.66 -28.95
CA GLU C 1437 19.52 10.53 -30.22
C GLU C 1437 20.18 11.31 -31.36
N ASN C 1438 21.46 11.64 -31.23
CA ASN C 1438 22.15 12.42 -32.25
C ASN C 1438 23.65 12.23 -32.10
N GLY C 1439 24.38 12.61 -33.15
CA GLY C 1439 25.82 12.52 -33.16
C GLY C 1439 26.31 11.12 -33.47
N PRO C 1440 27.62 10.96 -33.63
CA PRO C 1440 28.18 9.62 -33.85
C PRO C 1440 27.88 8.70 -32.67
N GLU C 1441 27.52 7.46 -32.98
CA GLU C 1441 27.14 6.51 -31.94
C GLU C 1441 28.35 5.94 -31.20
N TRP C 1442 29.47 5.74 -31.89
CA TRP C 1442 30.62 5.06 -31.32
C TRP C 1442 31.89 5.85 -31.64
N LEU C 1443 32.90 5.69 -30.78
CA LEU C 1443 34.25 6.17 -31.06
C LEU C 1443 35.01 5.02 -31.70
N ILE C 1444 35.15 5.07 -33.02
CA ILE C 1444 35.69 3.92 -33.75
C ILE C 1444 37.15 3.67 -33.39
N THR C 1445 37.94 4.74 -33.25
CA THR C 1445 39.38 4.64 -32.95
C THR C 1445 40.06 3.75 -33.98
N ARG C 1446 40.08 4.24 -35.22
CA ARG C 1446 40.62 3.47 -36.34
C ARG C 1446 42.07 3.09 -36.08
N GLY C 1447 42.40 1.83 -36.37
CA GLY C 1447 43.72 1.30 -36.12
C GLY C 1447 43.93 0.70 -34.75
N ASN C 1448 42.92 0.74 -33.88
CA ASN C 1448 43.06 0.18 -32.54
C ASN C 1448 43.00 -1.33 -32.60
N ASN C 1449 43.89 -1.99 -31.85
CA ASN C 1449 43.88 -3.45 -31.77
C ASN C 1449 42.58 -4.02 -31.21
N PRO C 1450 42.01 -3.49 -30.12
CA PRO C 1450 40.73 -4.05 -29.64
C PRO C 1450 39.63 -3.92 -30.68
N GLU C 1451 38.77 -4.93 -30.73
CA GLU C 1451 37.68 -4.99 -31.69
C GLU C 1451 36.39 -4.48 -31.05
N ARG C 1452 35.73 -3.55 -31.76
CA ARG C 1452 34.47 -2.92 -31.35
C ARG C 1452 34.45 -2.54 -29.87
N SER C 1453 35.60 -2.18 -29.33
CA SER C 1453 35.75 -1.78 -27.94
C SER C 1453 37.15 -1.20 -27.76
N LEU C 1454 37.48 -0.86 -26.52
CA LEU C 1454 38.80 -0.35 -26.20
C LEU C 1454 39.10 -0.63 -24.74
N THR C 1455 40.39 -0.56 -24.40
CA THR C 1455 40.84 -0.79 -23.04
C THR C 1455 41.15 0.54 -22.36
N LEU C 1456 41.47 0.47 -21.08
CA LEU C 1456 41.79 1.67 -20.30
C LEU C 1456 42.61 1.24 -19.08
N GLY C 1457 43.55 2.10 -18.68
CA GLY C 1457 44.44 1.80 -17.59
C GLY C 1457 43.75 1.53 -16.27
N VAL C 1458 44.17 0.48 -15.57
CA VAL C 1458 43.54 0.12 -14.31
C VAL C 1458 43.74 1.24 -13.29
N LEU C 1459 42.70 1.51 -12.50
CA LEU C 1459 42.71 2.57 -11.52
C LEU C 1459 42.68 1.99 -10.11
N GLU C 1460 43.35 2.66 -9.19
CA GLU C 1460 43.45 2.23 -7.81
C GLU C 1460 42.71 3.19 -6.88
N SER C 1461 42.28 2.68 -5.74
CA SER C 1461 41.56 3.50 -4.78
C SER C 1461 42.45 4.60 -4.22
N PRO C 1462 41.92 5.78 -3.97
CA PRO C 1462 42.74 6.87 -3.44
C PRO C 1462 43.24 6.58 -2.04
N ARG C 1463 44.43 7.11 -1.74
CA ARG C 1463 45.06 7.00 -0.43
C ARG C 1463 45.32 8.40 0.10
N PRO C 1464 44.42 8.96 0.90
CA PRO C 1464 44.58 10.36 1.35
C PRO C 1464 45.67 10.53 2.40
N ALA C 1465 46.41 9.45 2.69
CA ALA C 1465 47.49 9.55 3.67
C ALA C 1465 48.57 10.54 3.20
N PHE C 1466 48.94 10.47 1.92
CA PHE C 1466 49.89 11.42 1.38
C PHE C 1466 49.26 12.80 1.20
N SER C 1467 47.94 12.86 1.02
CA SER C 1467 47.26 14.14 0.84
C SER C 1467 47.37 14.99 2.10
N ILE C 1468 47.20 14.40 3.27
CA ILE C 1468 47.24 15.14 4.53
C ILE C 1468 48.18 14.41 5.50
N PRO C 1469 49.49 14.33 5.19
CA PRO C 1469 50.39 13.55 6.03
C PRO C 1469 50.75 14.24 7.35
N ASP C 1470 51.01 15.54 7.29
CA ASP C 1470 51.49 16.26 8.47
C ASP C 1470 50.37 16.42 9.48
N ASP C 1471 50.68 16.13 10.75
CA ASP C 1471 49.70 16.31 11.81
C ASP C 1471 49.39 17.79 12.05
N GLU C 1472 50.40 18.65 11.89
CA GLU C 1472 50.18 20.08 12.09
C GLU C 1472 49.18 20.64 11.10
N SER C 1473 49.28 20.23 9.84
CA SER C 1473 48.30 20.64 8.84
C SER C 1473 46.93 20.06 9.18
N GLU C 1474 45.89 20.89 9.03
CA GLU C 1474 44.57 20.51 9.53
C GLU C 1474 43.86 19.56 8.56
N ILE C 1475 43.54 20.05 7.36
CA ILE C 1475 42.76 19.28 6.39
C ILE C 1475 42.78 19.98 5.04
N PRO C 1476 42.83 19.24 3.93
CA PRO C 1476 42.61 19.86 2.62
C PRO C 1476 41.13 20.12 2.37
N GLY C 1477 40.79 20.59 1.18
CA GLY C 1477 39.40 20.90 0.86
C GLY C 1477 38.76 19.94 -0.12
N ARG C 1478 37.87 20.46 -0.96
CA ARG C 1478 37.19 19.63 -1.95
C ARG C 1478 38.18 19.12 -3.00
N LYS C 1479 37.87 17.96 -3.56
CA LYS C 1479 38.71 17.32 -4.56
C LYS C 1479 38.14 17.59 -5.95
N PHE C 1480 38.95 18.23 -6.80
CA PHE C 1480 38.56 18.52 -8.17
C PHE C 1480 39.66 18.06 -9.12
N TYR C 1481 39.26 17.46 -10.23
CA TYR C 1481 40.20 16.99 -11.24
C TYR C 1481 40.48 18.10 -12.23
N LEU C 1482 41.32 17.80 -13.23
CA LEU C 1482 41.68 18.75 -14.27
C LEU C 1482 41.18 18.25 -15.62
N HIS C 1483 40.97 19.21 -16.53
CA HIS C 1483 40.52 18.93 -17.88
C HIS C 1483 41.72 18.96 -18.83
N HIS C 1484 41.91 17.88 -19.58
CA HIS C 1484 42.99 17.79 -20.54
C HIS C 1484 42.70 16.62 -21.47
N ASN C 1485 43.43 16.57 -22.57
CA ASN C 1485 43.32 15.46 -23.53
C ASN C 1485 44.24 14.30 -23.14
N GLY C 1486 44.11 13.84 -21.90
CA GLY C 1486 44.92 12.74 -21.42
C GLY C 1486 44.49 11.38 -21.95
N TRP C 1487 43.32 11.30 -22.57
CA TRP C 1487 42.87 10.04 -23.17
C TRP C 1487 43.73 9.63 -24.36
N ARG C 1488 44.49 10.56 -24.94
CA ARG C 1488 45.34 10.22 -26.06
C ARG C 1488 46.45 9.26 -25.65
N ILE C 1489 47.00 9.45 -24.44
CA ILE C 1489 48.04 8.55 -23.94
C ILE C 1489 47.49 7.15 -23.76
N ILE C 1490 46.28 7.05 -23.21
CA ILE C 1490 45.66 5.73 -23.03
C ILE C 1490 45.38 5.09 -24.38
N ARG C 1491 44.84 5.85 -25.33
CA ARG C 1491 44.55 5.32 -26.65
C ARG C 1491 45.82 4.96 -27.43
N GLN C 1492 46.97 5.51 -27.05
CA GLN C 1492 48.23 5.20 -27.71
C GLN C 1492 48.93 4.01 -27.05
N LYS C 1493 49.17 4.10 -25.75
CA LYS C 1493 49.82 3.01 -25.00
C LYS C 1493 48.77 2.04 -24.46
N GLN C 1494 47.97 1.50 -25.38
CA GLN C 1494 46.91 0.56 -25.00
C GLN C 1494 47.47 -0.85 -24.84
N LEU C 1495 48.32 -1.28 -25.77
CA LEU C 1495 48.88 -2.62 -25.69
C LEU C 1495 49.83 -2.77 -24.50
N GLU C 1496 50.48 -1.68 -24.10
CA GLU C 1496 51.42 -1.73 -22.98
C GLU C 1496 50.74 -1.69 -21.62
N ILE C 1497 49.43 -1.42 -21.59
CA ILE C 1497 48.69 -1.35 -20.33
C ILE C 1497 47.65 -2.45 -20.18
N ARG C 1498 47.23 -3.10 -21.26
CA ARG C 1498 46.25 -4.17 -21.20
C ARG C 1498 46.83 -5.56 -21.44
N GLU C 1499 48.00 -5.65 -22.05
CA GLU C 1499 48.65 -6.93 -22.32
C GLU C 1499 49.99 -7.08 -21.62
N THR C 1500 50.83 -6.03 -21.62
CA THR C 1500 52.12 -6.12 -20.96
C THR C 1500 51.97 -6.29 -19.45
N VAL C 1501 51.03 -5.55 -18.85
CA VAL C 1501 50.79 -5.62 -17.41
C VAL C 1501 49.29 -5.74 -17.18
N GLN C 1502 48.94 -6.33 -16.02
CA GLN C 1502 47.55 -6.53 -15.60
C GLN C 1502 46.77 -7.32 -16.64
N PRO C 1503 47.07 -8.59 -16.84
CA PRO C 1503 46.29 -9.39 -17.79
C PRO C 1503 44.82 -9.51 -17.42
N GLU C 1504 44.52 -9.53 -16.12
CA GLU C 1504 43.14 -9.66 -15.63
C GLU C 1504 42.75 -8.54 -14.69
N ARG C 1505 43.68 -8.03 -13.88
CA ARG C 1505 43.39 -6.98 -12.90
C ARG C 1505 43.31 -5.63 -13.61
N ASN C 1506 42.25 -5.49 -14.41
CA ASN C 1506 42.02 -4.26 -15.16
C ASN C 1506 40.54 -4.17 -15.51
N VAL C 1507 40.11 -2.96 -15.84
CA VAL C 1507 38.72 -2.67 -16.21
C VAL C 1507 38.71 -2.04 -17.60
N THR C 1508 37.79 -2.52 -18.44
CA THR C 1508 37.64 -2.01 -19.80
C THR C 1508 36.17 -1.85 -20.12
N THR C 1509 35.89 -0.93 -21.05
CA THR C 1509 34.52 -0.65 -21.46
C THR C 1509 34.57 0.11 -22.79
N GLU C 1510 33.42 0.65 -23.20
CA GLU C 1510 33.31 1.43 -24.42
C GLU C 1510 33.03 2.89 -24.08
N VAL C 1511 33.47 3.79 -24.95
CA VAL C 1511 33.39 5.22 -24.73
C VAL C 1511 32.66 5.86 -25.91
N MET C 1512 32.42 7.17 -25.80
CA MET C 1512 31.73 7.94 -26.82
C MET C 1512 32.72 8.70 -27.69
N ASP C 1513 32.24 9.13 -28.85
CA ASP C 1513 33.00 9.98 -29.75
C ASP C 1513 32.75 11.45 -29.39
N LYS C 1514 33.20 12.35 -30.25
CA LYS C 1514 33.02 13.79 -30.03
C LYS C 1514 31.79 14.30 -30.79
N GLY C 1515 31.28 15.44 -30.34
CA GLY C 1515 30.16 16.08 -30.98
C GLY C 1515 28.86 15.30 -30.93
N ASN C 1516 28.50 14.78 -29.76
CA ASN C 1516 27.25 14.06 -29.57
C ASN C 1516 26.23 15.01 -28.95
N VAL C 1517 25.14 15.26 -29.67
CA VAL C 1517 24.09 16.17 -29.21
C VAL C 1517 23.16 15.41 -28.27
N PHE C 1518 22.79 16.05 -27.17
CA PHE C 1518 21.94 15.44 -26.16
C PHE C 1518 20.81 16.41 -25.79
N SER C 1519 19.94 15.95 -24.89
CA SER C 1519 18.83 16.77 -24.41
C SER C 1519 18.34 16.19 -23.10
N PHE C 1520 18.47 16.96 -22.02
CA PHE C 1520 17.99 16.54 -20.71
C PHE C 1520 17.37 17.73 -20.01
N ASP C 1521 16.47 17.43 -19.06
CA ASP C 1521 15.67 18.44 -18.39
C ASP C 1521 16.02 18.51 -16.91
N VAL C 1522 15.91 19.72 -16.36
CA VAL C 1522 16.19 19.98 -14.95
C VAL C 1522 14.96 20.69 -14.39
N ARG C 1523 14.06 19.94 -13.79
CA ARG C 1523 12.86 20.50 -13.19
C ARG C 1523 13.16 21.05 -11.79
N PHE C 1524 12.27 21.92 -11.32
CA PHE C 1524 12.37 22.42 -9.96
C PHE C 1524 11.03 23.02 -9.55
N GLU C 1525 10.83 23.16 -8.25
CA GLU C 1525 9.61 23.74 -7.71
C GLU C 1525 9.96 24.68 -6.55
N ASN C 1526 9.43 25.90 -6.60
CA ASN C 1526 9.54 26.87 -5.52
C ASN C 1526 10.99 27.20 -5.19
N LEU C 1527 11.70 27.74 -6.19
CA LEU C 1527 13.08 28.17 -6.04
C LEU C 1527 13.14 29.67 -5.81
N ARG C 1528 14.04 30.08 -4.91
CA ARG C 1528 14.26 31.51 -4.69
C ARG C 1528 14.90 32.15 -5.91
N GLU C 1529 14.69 33.46 -6.04
CA GLU C 1529 15.21 34.18 -7.21
C GLU C 1529 16.74 34.17 -7.23
N TRP C 1530 17.37 34.42 -6.08
CA TRP C 1530 18.82 34.56 -6.04
C TRP C 1530 19.55 33.24 -6.19
N GLU C 1531 18.89 32.11 -5.93
CA GLU C 1531 19.49 30.80 -6.14
C GLU C 1531 19.33 30.30 -7.56
N LEU C 1532 18.33 30.80 -8.29
CA LEU C 1532 18.11 30.35 -9.65
C LEU C 1532 19.29 30.71 -10.56
N GLY C 1533 19.82 31.93 -10.44
CA GLY C 1533 20.95 32.31 -11.26
C GLY C 1533 22.19 31.49 -10.96
N LEU C 1534 22.42 31.19 -9.68
CA LEU C 1534 23.53 30.31 -9.32
C LEU C 1534 23.36 28.94 -9.94
N LEU C 1535 22.15 28.38 -9.88
CA LEU C 1535 21.91 27.09 -10.50
C LEU C 1535 22.14 27.13 -12.00
N LEU C 1536 21.65 28.20 -12.66
CA LEU C 1536 21.78 28.30 -14.10
C LEU C 1536 23.23 28.38 -14.55
N GLN C 1537 24.01 29.27 -13.95
CA GLN C 1537 25.38 29.42 -14.46
C GLN C 1537 26.36 28.46 -13.78
N SER C 1538 25.93 27.70 -12.78
CA SER C 1538 26.69 26.54 -12.37
C SER C 1538 26.37 25.32 -13.22
N LEU C 1539 25.20 25.31 -13.86
CA LEU C 1539 24.93 24.36 -14.92
C LEU C 1539 25.81 24.66 -16.12
N ASP C 1540 25.72 25.88 -16.67
CA ASP C 1540 26.59 26.35 -17.73
C ASP C 1540 27.59 27.34 -17.16
N PRO C 1541 28.82 26.91 -16.85
CA PRO C 1541 29.82 27.87 -16.35
C PRO C 1541 30.15 28.99 -17.32
N GLY C 1542 30.10 28.71 -18.62
CA GLY C 1542 30.40 29.70 -19.63
C GLY C 1542 31.30 29.12 -20.69
N LYS C 1543 31.99 30.00 -21.42
CA LYS C 1543 32.89 29.56 -22.46
C LYS C 1543 34.17 28.99 -21.87
N ASN C 1544 34.84 28.15 -22.66
CA ASN C 1544 36.12 27.52 -22.34
C ASN C 1544 36.15 26.87 -20.96
N ILE C 1545 34.98 26.47 -20.44
CA ILE C 1545 34.89 25.73 -19.19
C ILE C 1545 33.88 24.60 -19.39
N ALA C 1546 34.26 23.40 -18.99
CA ALA C 1546 33.40 22.22 -19.16
C ALA C 1546 33.42 21.39 -17.89
N HIS C 1547 32.38 20.58 -17.73
CA HIS C 1547 32.24 19.71 -16.56
C HIS C 1547 32.86 18.36 -16.83
N LYS C 1548 33.24 17.67 -15.75
CA LYS C 1548 33.90 16.38 -15.82
C LYS C 1548 32.90 15.29 -15.43
N LEU C 1549 32.76 14.28 -16.27
CA LEU C 1549 31.82 13.19 -16.01
C LEU C 1549 32.45 11.86 -16.40
N GLY C 1550 31.93 10.79 -15.80
CA GLY C 1550 32.40 9.45 -16.09
C GLY C 1550 33.66 9.09 -15.33
N LYS C 1551 34.12 7.87 -15.56
CA LYS C 1551 35.36 7.42 -14.96
C LYS C 1551 36.55 8.03 -15.69
N GLY C 1552 37.75 7.71 -15.22
CA GLY C 1552 38.96 8.25 -15.82
C GLY C 1552 39.08 9.77 -15.71
N LYS C 1553 38.46 10.37 -14.69
CA LYS C 1553 38.61 11.80 -14.50
C LYS C 1553 40.06 12.23 -14.30
N PRO C 1554 40.89 11.55 -13.50
CA PRO C 1554 42.32 11.91 -13.48
C PRO C 1554 43.02 11.73 -14.80
N TYR C 1555 42.49 10.88 -15.69
CA TYR C 1555 43.08 10.63 -16.99
C TYR C 1555 42.53 11.56 -18.07
N GLY C 1556 41.70 12.52 -17.71
CA GLY C 1556 41.14 13.47 -18.67
C GLY C 1556 39.90 13.00 -19.39
N PHE C 1557 39.39 11.81 -19.08
CA PHE C 1557 38.21 11.29 -19.76
C PHE C 1557 36.96 12.05 -19.34
N GLY C 1558 36.06 12.24 -20.30
CA GLY C 1558 34.75 12.81 -20.03
C GLY C 1558 34.72 14.28 -19.68
N SER C 1559 35.03 15.14 -20.66
CA SER C 1559 34.91 16.58 -20.51
C SER C 1559 33.71 17.03 -21.32
N VAL C 1560 32.64 17.42 -20.63
CA VAL C 1560 31.36 17.75 -21.28
C VAL C 1560 30.87 19.10 -20.75
N LYS C 1561 30.25 19.87 -21.64
CA LYS C 1561 29.68 21.17 -21.31
C LYS C 1561 28.20 21.19 -21.70
N ILE C 1562 27.37 21.73 -20.81
CA ILE C 1562 25.93 21.75 -20.99
C ILE C 1562 25.46 23.20 -21.13
N LYS C 1563 24.64 23.46 -22.15
CA LYS C 1563 24.13 24.79 -22.45
C LYS C 1563 22.62 24.80 -22.37
N ILE C 1564 22.06 25.84 -21.76
CA ILE C 1564 20.62 25.92 -21.55
C ILE C 1564 19.91 26.17 -22.88
N ASP C 1565 18.86 25.40 -23.14
CA ASP C 1565 17.99 25.65 -24.29
C ASP C 1565 17.00 26.76 -23.98
N SER C 1566 16.16 26.56 -22.97
CA SER C 1566 15.14 27.54 -22.61
C SER C 1566 14.67 27.28 -21.19
N LEU C 1567 14.71 28.31 -20.35
CA LEU C 1567 14.25 28.21 -18.97
C LEU C 1567 12.76 28.54 -18.93
N HIS C 1568 11.95 27.57 -18.55
CA HIS C 1568 10.50 27.73 -18.52
C HIS C 1568 10.01 28.13 -17.13
N THR C 1569 8.73 28.49 -17.06
CA THR C 1569 8.09 28.87 -15.81
C THR C 1569 6.57 28.86 -15.97
N PHE C 1570 5.88 28.17 -15.06
CA PHE C 1570 4.43 28.07 -15.12
C PHE C 1570 3.79 28.93 -14.04
N LYS C 1571 2.56 29.38 -14.32
CA LYS C 1571 1.80 30.20 -13.40
C LYS C 1571 0.75 29.35 -12.70
N ILE C 1572 0.69 29.44 -11.37
CA ILE C 1572 -0.27 28.65 -10.60
C ILE C 1572 -1.68 29.07 -10.93
N ASN C 1573 -1.93 30.38 -11.06
CA ASN C 1573 -3.26 30.87 -11.36
C ASN C 1573 -3.73 30.41 -12.74
N SER C 1574 -5.01 30.09 -12.86
CA SER C 1574 -5.57 29.61 -14.11
C SER C 1574 -5.67 30.69 -15.17
N ASN C 1575 -5.50 31.97 -14.80
CA ASN C 1575 -5.57 33.03 -15.79
C ASN C 1575 -4.46 32.90 -16.83
N ASN C 1576 -3.24 32.60 -16.37
CA ASN C 1576 -2.12 32.34 -17.28
C ASN C 1576 -1.92 30.84 -17.43
N ASP C 1577 -2.83 30.24 -18.20
CA ASP C 1577 -2.79 28.80 -18.41
C ASP C 1577 -1.54 28.38 -19.18
N LYS C 1578 -1.18 29.14 -20.21
CA LYS C 1578 -0.01 28.79 -21.02
C LYS C 1578 1.27 29.04 -20.25
N ILE C 1579 2.23 28.13 -20.41
CA ILE C 1579 3.53 28.28 -19.76
C ILE C 1579 4.34 29.35 -20.49
N LYS C 1580 5.27 29.96 -19.77
CA LYS C 1580 6.10 31.03 -20.30
C LYS C 1580 7.57 30.71 -20.07
N ARG C 1581 8.42 31.30 -20.91
CA ARG C 1581 9.86 31.20 -20.77
C ARG C 1581 10.44 32.60 -20.61
N VAL C 1582 11.53 32.69 -19.85
CA VAL C 1582 12.18 33.97 -19.56
C VAL C 1582 12.77 34.52 -20.85
N PRO C 1583 12.94 35.84 -20.97
CA PRO C 1583 13.54 36.40 -22.18
C PRO C 1583 14.96 35.89 -22.40
N GLN C 1584 15.31 35.69 -23.67
CA GLN C 1584 16.61 35.14 -24.04
C GLN C 1584 17.73 36.17 -24.01
N SER C 1585 17.53 37.31 -23.37
CA SER C 1585 18.56 38.35 -23.28
C SER C 1585 19.57 37.98 -22.18
N ASP C 1586 20.26 36.86 -22.41
CA ASP C 1586 21.27 36.32 -21.50
C ASP C 1586 20.70 36.08 -20.11
N ILE C 1587 19.40 35.75 -20.03
CA ILE C 1587 18.71 35.52 -18.77
C ILE C 1587 18.94 36.71 -17.83
N ARG C 1588 18.36 37.85 -18.16
CA ARG C 1588 18.65 39.08 -17.44
C ARG C 1588 18.03 39.07 -16.04
N GLU C 1589 18.69 39.79 -15.13
CA GLU C 1589 18.18 40.05 -13.78
C GLU C 1589 17.99 38.76 -12.98
N TYR C 1590 18.71 37.70 -13.34
CA TYR C 1590 18.64 36.43 -12.61
C TYR C 1590 19.96 36.06 -11.96
N ILE C 1591 21.06 36.09 -12.72
CA ILE C 1591 22.35 35.66 -12.18
C ILE C 1591 23.00 36.76 -11.36
N ASN C 1592 22.72 38.03 -11.68
CA ASN C 1592 23.37 39.14 -10.98
C ASN C 1592 22.97 39.19 -9.51
N LYS C 1593 21.74 38.80 -9.18
CA LYS C 1593 21.34 38.77 -7.78
C LYS C 1593 22.16 37.78 -6.98
N GLY C 1594 22.36 36.56 -7.52
CA GLY C 1594 23.20 35.60 -6.84
C GLY C 1594 24.65 36.04 -6.78
N TYR C 1595 25.14 36.67 -7.84
CA TYR C 1595 26.51 37.18 -7.84
C TYR C 1595 26.70 38.22 -6.74
N GLN C 1596 25.74 39.13 -6.58
CA GLN C 1596 25.81 40.12 -5.51
C GLN C 1596 25.70 39.45 -4.15
N LYS C 1597 24.83 38.45 -4.01
CA LYS C 1597 24.65 37.78 -2.73
C LYS C 1597 25.89 37.01 -2.30
N LEU C 1598 26.67 36.52 -3.27
CA LEU C 1598 27.86 35.73 -2.92
C LEU C 1598 28.88 36.55 -2.16
N ILE C 1599 28.91 37.88 -2.36
CA ILE C 1599 29.88 38.70 -1.65
C ILE C 1599 29.60 38.76 -0.16
N GLU C 1600 28.36 38.47 0.26
CA GLU C 1600 28.05 38.45 1.69
C GLU C 1600 28.79 37.33 2.41
N TRP C 1601 28.89 36.17 1.78
CA TRP C 1601 29.56 35.02 2.39
C TRP C 1601 31.08 35.12 2.24
N VAL C 1612 28.36 45.07 -16.96
CA VAL C 1612 27.22 44.52 -16.24
C VAL C 1612 27.33 43.00 -16.17
N LEU C 1613 28.14 42.44 -17.07
CA LEU C 1613 28.33 41.00 -17.10
C LEU C 1613 29.08 40.54 -15.85
N PRO C 1614 28.74 39.36 -15.33
CA PRO C 1614 29.42 38.87 -14.12
C PRO C 1614 30.90 38.61 -14.36
N GLN C 1615 31.69 38.85 -13.33
CA GLN C 1615 33.13 38.62 -13.33
C GLN C 1615 33.45 37.74 -12.13
N TRP C 1616 33.54 36.42 -12.37
CA TRP C 1616 33.72 35.47 -11.29
C TRP C 1616 35.16 35.31 -10.83
N HIS C 1617 36.11 35.97 -11.49
CA HIS C 1617 37.51 35.90 -11.08
C HIS C 1617 37.85 36.92 -10.00
N VAL C 1618 36.88 37.70 -9.53
CA VAL C 1618 37.10 38.69 -8.48
C VAL C 1618 36.75 38.09 -7.12
N ILE C 1619 36.59 36.77 -7.08
CA ILE C 1619 36.28 36.04 -5.86
C ILE C 1619 37.41 35.05 -5.60
N PRO C 1620 37.97 35.00 -4.39
CA PRO C 1620 39.14 34.12 -4.17
C PRO C 1620 38.88 32.66 -4.45
N HIS C 1621 37.67 32.15 -4.15
CA HIS C 1621 37.40 30.73 -4.32
C HIS C 1621 36.75 30.38 -5.65
N ILE C 1622 35.90 31.26 -6.20
CA ILE C 1622 35.29 30.98 -7.49
C ILE C 1622 36.35 30.99 -8.59
N ASP C 1623 37.33 31.87 -8.48
CA ASP C 1623 38.43 31.89 -9.45
C ASP C 1623 39.18 30.57 -9.45
N LYS C 1624 39.51 30.07 -8.26
CA LYS C 1624 40.20 28.78 -8.17
C LYS C 1624 39.32 27.65 -8.70
N LEU C 1625 38.02 27.69 -8.40
CA LEU C 1625 37.11 26.64 -8.85
C LEU C 1625 37.05 26.61 -10.38
N TYR C 1626 36.85 27.77 -11.01
CA TYR C 1626 36.75 27.81 -12.46
C TYR C 1626 38.10 27.54 -13.12
N LYS C 1627 39.19 27.81 -12.42
CA LYS C 1627 40.51 27.48 -12.97
C LYS C 1627 40.68 25.97 -13.14
N LEU C 1628 40.17 25.19 -12.18
CA LEU C 1628 40.33 23.74 -12.24
C LEU C 1628 39.49 23.13 -13.37
N LEU C 1629 38.38 23.76 -13.73
CA LEU C 1629 37.50 23.25 -14.78
C LEU C 1629 37.82 23.83 -16.16
N TRP C 1630 38.89 24.62 -16.28
CA TRP C 1630 39.27 25.18 -17.56
C TRP C 1630 39.67 24.08 -18.53
N VAL C 1631 39.26 24.23 -19.79
CA VAL C 1631 39.60 23.24 -20.82
C VAL C 1631 40.60 23.86 -21.80
N PRO C 1632 41.89 23.52 -21.69
CA PRO C 1632 42.90 24.06 -22.61
C PRO C 1632 43.09 23.20 -23.86
N PHE C 1633 41.98 22.83 -24.49
CA PHE C 1633 42.05 22.06 -25.73
C PHE C 1633 40.99 22.46 -26.75
N LEU C 1634 40.28 23.56 -26.53
CA LEU C 1634 39.25 24.01 -27.46
C LEU C 1634 39.04 25.52 -27.36
N LEU C 1639 46.41 24.82 -27.35
CA LEU C 1639 47.44 24.07 -26.65
C LEU C 1639 46.96 22.66 -26.32
N GLU C 1640 47.84 21.88 -25.68
CA GLU C 1640 47.51 20.51 -25.31
C GLU C 1640 48.41 20.04 -24.17
N PRO C 1641 48.16 20.49 -22.94
CA PRO C 1641 49.00 20.05 -21.82
C PRO C 1641 48.84 18.56 -21.55
N ASP C 1642 49.92 17.96 -21.04
CA ASP C 1642 49.94 16.54 -20.71
C ASP C 1642 49.94 16.40 -19.19
N VAL C 1643 48.96 15.67 -18.67
CA VAL C 1643 48.82 15.44 -17.23
C VAL C 1643 48.76 13.94 -16.99
N ARG C 1644 49.58 13.45 -16.05
CA ARG C 1644 49.61 12.02 -15.77
C ARG C 1644 50.12 11.79 -14.35
N TYR C 1645 49.73 10.65 -13.79
CA TYR C 1645 50.25 10.25 -12.49
C TYR C 1645 51.72 9.83 -12.62
N PRO C 1646 52.57 10.24 -11.68
CA PRO C 1646 53.94 9.72 -11.66
C PRO C 1646 53.98 8.28 -11.18
N VAL C 1647 55.16 7.67 -11.17
CA VAL C 1647 55.33 6.30 -10.73
C VAL C 1647 56.35 6.26 -9.60
N LEU C 1648 56.21 5.26 -8.74
CA LEU C 1648 57.06 5.13 -7.56
C LEU C 1648 58.52 4.94 -7.94
N ASN C 1649 58.85 3.82 -8.56
CA ASN C 1649 60.22 3.54 -8.98
C ASN C 1649 60.35 3.36 -10.47
N GLU C 1650 59.57 2.47 -11.07
CA GLU C 1650 59.64 2.22 -12.51
C GLU C 1650 58.38 1.48 -12.92
N GLU C 1651 57.63 2.05 -13.87
CA GLU C 1651 56.42 1.41 -14.35
C GLU C 1651 56.76 0.24 -15.25
N SER C 1652 55.74 -0.58 -15.55
CA SER C 1652 55.94 -1.71 -16.45
C SER C 1652 56.34 -1.24 -17.84
N LYS C 1653 55.71 -0.17 -18.33
CA LYS C 1653 56.05 0.41 -19.63
C LYS C 1653 55.78 1.91 -19.55
N GLY C 1654 56.83 2.67 -19.27
CA GLY C 1654 56.71 4.11 -19.14
C GLY C 1654 57.86 4.69 -18.33
N TYR C 1655 57.57 5.80 -17.66
CA TYR C 1655 58.53 6.53 -16.83
C TYR C 1655 59.75 6.95 -17.66
N ILE C 1656 59.48 7.81 -18.64
CA ILE C 1656 60.54 8.34 -19.49
C ILE C 1656 61.27 9.44 -18.71
N GLU C 1657 62.59 9.30 -18.58
CA GLU C 1657 63.38 10.27 -17.86
C GLU C 1657 64.86 10.19 -18.27
N ASP C 1660 62.42 11.71 -13.45
CA ASP C 1660 62.46 12.53 -12.25
C ASP C 1660 61.06 12.74 -11.69
N TYR C 1661 60.99 13.46 -10.55
CA TYR C 1661 59.74 13.75 -9.87
C TYR C 1661 58.97 12.48 -9.53
N THR C 1662 59.62 11.63 -8.73
CA THR C 1662 59.05 10.37 -8.29
C THR C 1662 58.51 10.53 -6.87
N TYR C 1663 58.07 9.42 -6.27
CA TYR C 1663 57.46 9.45 -4.95
C TYR C 1663 58.48 9.37 -3.81
N LYS C 1664 59.77 9.21 -4.11
CA LYS C 1664 60.77 9.31 -3.06
C LYS C 1664 61.25 10.75 -2.88
N LYS C 1665 61.73 11.38 -3.95
CA LYS C 1665 62.23 12.74 -3.84
C LYS C 1665 61.12 13.70 -3.43
N LEU C 1666 59.93 13.54 -4.02
CA LEU C 1666 58.79 14.33 -3.58
C LEU C 1666 58.30 13.90 -2.21
N GLY C 1667 58.36 12.60 -1.91
CA GLY C 1667 57.91 12.10 -0.63
C GLY C 1667 58.89 12.31 0.51
N ASP C 1668 60.17 12.51 0.20
CA ASP C 1668 61.16 12.75 1.23
C ASP C 1668 60.92 14.08 1.92
N LYS C 1669 61.07 14.10 3.24
CA LYS C 1669 60.85 15.32 4.01
C LYS C 1669 61.93 16.37 3.77
N ASP C 1670 63.04 16.01 3.12
CA ASP C 1670 64.13 16.96 2.87
C ASP C 1670 64.01 17.61 1.50
N ASN C 1671 63.96 16.79 0.44
CA ASN C 1671 63.87 17.35 -0.91
C ASN C 1671 62.57 18.10 -1.13
N LEU C 1672 61.45 17.54 -0.67
CA LEU C 1672 60.14 18.17 -0.82
C LEU C 1672 59.35 17.94 0.46
N PRO C 1673 59.41 18.87 1.41
CA PRO C 1673 58.72 18.68 2.69
C PRO C 1673 57.21 18.65 2.50
N TYR C 1674 56.54 17.95 3.43
CA TYR C 1674 55.09 17.83 3.37
C TYR C 1674 54.39 19.16 3.57
N LYS C 1675 55.08 20.16 4.14
CA LYS C 1675 54.46 21.47 4.33
C LYS C 1675 54.08 22.10 3.00
N THR C 1676 54.95 22.01 2.00
CA THR C 1676 54.65 22.53 0.68
C THR C 1676 53.88 21.54 -0.18
N ARG C 1677 53.75 20.29 0.26
CA ARG C 1677 53.00 19.30 -0.51
C ARG C 1677 51.52 19.70 -0.62
N VAL C 1678 50.93 20.15 0.49
CA VAL C 1678 49.54 20.60 0.45
C VAL C 1678 49.41 21.87 -0.40
N LYS C 1679 50.42 22.74 -0.37
CA LYS C 1679 50.40 23.93 -1.22
C LYS C 1679 50.42 23.55 -2.69
N GLY C 1680 51.19 22.52 -3.05
CA GLY C 1680 51.26 22.07 -4.42
C GLY C 1680 50.00 21.39 -4.91
N LEU C 1681 49.20 20.83 -4.00
CA LEU C 1681 47.94 20.21 -4.36
C LEU C 1681 46.77 21.18 -4.34
N THR C 1682 46.98 22.40 -3.86
CA THR C 1682 45.93 23.42 -3.82
C THR C 1682 46.08 24.49 -4.88
N THR C 1683 47.30 24.93 -5.15
CA THR C 1683 47.52 25.93 -6.20
C THR C 1683 47.37 25.27 -7.56
N PRO C 1684 46.47 25.75 -8.42
CA PRO C 1684 46.26 25.08 -9.71
C PRO C 1684 47.51 25.15 -10.59
N TRP C 1685 47.76 24.03 -11.28
CA TRP C 1685 48.87 23.91 -12.22
C TRP C 1685 50.20 24.32 -11.59
N SER C 1686 50.53 23.67 -10.48
CA SER C 1686 51.77 23.95 -9.78
C SER C 1686 52.96 23.49 -10.61
N PRO C 1687 54.10 24.19 -10.53
CA PRO C 1687 55.29 23.82 -11.32
C PRO C 1687 56.18 22.82 -10.58
N TRP C 1688 55.74 21.56 -10.55
CA TRP C 1688 56.55 20.51 -9.93
C TRP C 1688 57.78 20.21 -10.78
N ASN C 1689 57.64 20.24 -12.10
CA ASN C 1689 58.73 19.92 -13.03
C ASN C 1689 59.34 18.56 -12.75
#